data_5TMG
#
_entry.id   5TMG
#
_cell.length_a   139.999
_cell.length_b   139.999
_cell.length_c   139.999
_cell.angle_alpha   90.000
_cell.angle_beta   90.000
_cell.angle_gamma   90.000
#
_symmetry.space_group_name_H-M   'P 21 3'
#
loop_
_entity.id
_entity.type
_entity.pdbx_description
1 polymer Renin
2 non-polymer 2-acetamido-2-deoxy-beta-D-glucopyranose
3 non-polymer 5-(4-methoxybutyl)-N-(2-methylpropyl)-N-[(3S,5R)-5-(morpholine-4-carbonyl)piperidin-3-yl]-1-phenyl-1H-1,2,3-triazole-4-carboxamide
4 non-polymer 'TRIETHYLENE GLYCOL'
5 non-polymer DI(HYDROXYETHYL)ETHER
6 non-polymer 'DIMETHYL SULFOXIDE'
7 water water
#
_entity_poly.entity_id   1
_entity_poly.type   'polypeptide(L)'
_entity_poly.pdbx_seq_one_letter_code
;GNTTSSVILTNYMDTQYYGEIGIGTPPQTFKVVFDTGSSNVWVPSSKCSRLYTACVYHKLFDASDSSSYKHNGTELTLRY
STGTVSGFLSQDIITVGGITVTQMFGEVTEMPALPFMLAEFDGVVGMGFIEQAIGRVTPIFDNIISQGVLKEDVFSFYYN
RDSENSQSLGGQIVLGGSDPQHYEGNFHYINLIKTGVWQIQMKGVSVGSSTLLCEDGCLALVDTGASYISGSTSSIEKLM
EALGAKKRLFDYVVKCNEGPTLPDISFHLGGKEYTLTSADYVFQESYSSKKLCTLAIHAMDIPPPTGPTWALGATFIRKF
YTEFDRRNNRIGFALAR
;
_entity_poly.pdbx_strand_id   A,B
#
# COMPACT_ATOMS: atom_id res chain seq x y z
N GLY A 1 20.50 -26.56 9.80
CA GLY A 1 19.28 -26.97 10.55
C GLY A 1 18.01 -26.83 9.72
N ASN A 2 16.87 -26.89 10.40
CA ASN A 2 15.55 -26.71 9.77
C ASN A 2 14.68 -25.67 10.49
N THR A 3 15.29 -24.82 11.33
CA THR A 3 14.54 -23.80 12.06
C THR A 3 14.29 -22.60 11.16
N THR A 4 13.07 -22.11 11.20
CA THR A 4 12.74 -20.79 10.71
C THR A 4 12.12 -20.04 11.90
N SER A 5 12.44 -18.77 12.02
CA SER A 5 11.97 -17.98 13.16
C SER A 5 11.63 -16.57 12.72
N SER A 6 10.81 -15.88 13.52
CA SER A 6 10.40 -14.53 13.18
C SER A 6 10.49 -13.54 14.33
N VAL A 7 10.67 -12.28 13.95
CA VAL A 7 10.65 -11.16 14.87
C VAL A 7 9.48 -10.27 14.45
N ILE A 8 8.54 -10.07 15.37
CA ILE A 8 7.38 -9.22 15.13
C ILE A 8 7.80 -7.76 15.33
N LEU A 9 7.46 -6.92 14.37
CA LEU A 9 7.86 -5.52 14.42
C LEU A 9 6.68 -4.63 14.74
N THR A 10 6.97 -3.50 15.35
CA THR A 10 6.03 -2.42 15.53
C THR A 10 6.33 -1.37 14.47
N ASN A 11 5.28 -0.80 13.92
CA ASN A 11 5.35 0.27 12.95
C ASN A 11 4.87 1.55 13.63
N TYR A 12 5.80 2.47 13.91
CA TYR A 12 5.47 3.79 14.41
C TYR A 12 5.44 4.79 13.25
N MET A 13 4.24 5.21 12.86
CA MET A 13 4.02 6.34 11.93
C MET A 13 4.64 6.21 10.54
N ASP A 14 4.78 4.97 10.07
CA ASP A 14 5.55 4.59 8.88
C ASP A 14 7.01 5.05 8.81
N THR A 15 7.56 5.56 9.92
CA THR A 15 8.91 6.08 9.94
C THR A 15 9.89 5.27 10.79
N GLN A 16 9.39 4.49 11.75
CA GLN A 16 10.24 3.66 12.58
C GLN A 16 9.64 2.28 12.68
N TYR A 17 10.46 1.28 12.36
CA TYR A 17 10.08 -0.11 12.46
C TYR A 17 11.07 -0.77 13.36
N TYR A 18 10.57 -1.43 14.41
CA TYR A 18 11.44 -1.99 15.41
C TYR A 18 10.81 -3.21 16.06
N GLY A 19 11.65 -4.11 16.54
CA GLY A 19 11.21 -5.30 17.26
C GLY A 19 11.90 -5.32 18.59
N GLU A 20 11.68 -6.39 19.35
CA GLU A 20 12.29 -6.55 20.66
C GLU A 20 13.32 -7.65 20.65
N ILE A 21 14.38 -7.44 21.41
CA ILE A 21 15.35 -8.47 21.72
C ILE A 21 15.53 -8.50 23.25
N GLY A 22 16.02 -9.61 23.76
CA GLY A 22 16.41 -9.73 25.16
C GLY A 22 17.93 -9.78 25.21
N ILE A 23 18.54 -9.07 26.14
CA ILE A 23 19.98 -9.16 26.39
C ILE A 23 20.22 -9.49 27.85
N GLY A 24 21.05 -10.50 28.11
CA GLY A 24 21.42 -10.87 29.46
C GLY A 24 20.58 -11.93 30.13
N THR A 25 20.97 -12.21 31.37
CA THR A 25 20.30 -13.18 32.22
C THR A 25 20.06 -12.53 33.59
N PRO A 26 18.80 -12.28 33.96
CA PRO A 26 17.63 -12.54 33.10
C PRO A 26 17.55 -11.55 31.93
N PRO A 27 16.67 -11.81 30.95
CA PRO A 27 16.69 -10.94 29.78
C PRO A 27 16.23 -9.50 30.07
N GLN A 28 17.01 -8.54 29.63
CA GLN A 28 16.60 -7.16 29.62
C GLN A 28 16.13 -6.89 28.20
N THR A 29 14.92 -6.36 28.06
CA THR A 29 14.29 -6.23 26.76
C THR A 29 14.54 -4.85 26.17
N PHE A 30 14.85 -4.81 24.87
CA PHE A 30 15.14 -3.58 24.17
C PHE A 30 14.36 -3.52 22.88
N LYS A 31 13.90 -2.32 22.54
CA LYS A 31 13.35 -2.05 21.21
C LYS A 31 14.49 -1.72 20.28
N VAL A 32 14.60 -2.43 19.17
CA VAL A 32 15.69 -2.24 18.23
C VAL A 32 15.20 -2.21 16.78
N VAL A 33 15.87 -1.36 16.02
CA VAL A 33 15.76 -1.33 14.57
C VAL A 33 16.68 -2.38 14.02
N PHE A 34 16.18 -3.19 13.09
CA PHE A 34 17.00 -4.17 12.38
C PHE A 34 17.43 -3.53 11.06
N ASP A 35 18.73 -3.29 10.95
CA ASP A 35 19.33 -2.37 10.00
C ASP A 35 20.32 -3.08 9.06
N THR A 36 19.91 -3.34 7.82
CA THR A 36 20.81 -3.90 6.82
C THR A 36 21.91 -2.95 6.34
N GLY A 37 21.79 -1.65 6.64
CA GLY A 37 22.82 -0.69 6.30
C GLY A 37 23.93 -0.52 7.33
N SER A 38 23.88 -1.29 8.42
CA SER A 38 25.01 -1.36 9.36
C SER A 38 25.16 -2.77 9.90
N SER A 39 26.26 -3.00 10.62
CA SER A 39 26.63 -4.36 11.05
C SER A 39 26.90 -4.55 12.55
N ASN A 40 26.74 -3.51 13.36
CA ASN A 40 26.95 -3.62 14.80
C ASN A 40 25.61 -3.67 15.52
N VAL A 41 25.61 -4.34 16.66
CA VAL A 41 24.52 -4.32 17.61
C VAL A 41 24.89 -3.33 18.68
N TRP A 42 23.95 -2.48 19.08
CA TRP A 42 24.13 -1.67 20.26
C TRP A 42 22.82 -1.35 20.95
N VAL A 43 22.92 -1.09 22.24
CA VAL A 43 21.82 -0.59 23.03
C VAL A 43 22.41 0.46 23.96
N PRO A 44 21.57 1.36 24.48
CA PRO A 44 22.07 2.32 25.47
C PRO A 44 22.52 1.60 26.74
N SER A 45 23.52 2.15 27.41
CA SER A 45 24.12 1.59 28.60
C SER A 45 23.66 2.29 29.86
N SER A 46 23.58 1.53 30.95
CA SER A 46 23.42 2.10 32.29
C SER A 46 24.57 3.06 32.65
N LYS A 47 25.71 2.93 31.96
CA LYS A 47 26.84 3.82 32.13
C LYS A 47 26.79 5.11 31.29
N CYS A 48 25.74 5.29 30.49
CA CYS A 48 25.49 6.54 29.80
C CYS A 48 25.18 7.67 30.77
N SER A 49 25.93 8.76 30.69
CA SER A 49 25.65 9.94 31.48
C SER A 49 24.19 10.35 31.29
N ARG A 50 23.49 10.60 32.39
CA ARG A 50 22.10 11.02 32.32
C ARG A 50 21.92 12.46 31.85
N LEU A 51 23.02 13.19 31.69
CA LEU A 51 23.02 14.45 30.96
C LEU A 51 22.66 14.29 29.49
N TYR A 52 22.88 13.09 28.93
CA TYR A 52 22.27 12.68 27.67
C TYR A 52 20.82 12.31 27.93
N THR A 53 19.91 13.21 27.57
CA THR A 53 18.49 13.00 27.84
C THR A 53 17.92 11.76 27.16
N ALA A 54 18.48 11.40 26.00
CA ALA A 54 18.16 10.13 25.35
C ALA A 54 18.32 8.93 26.27
N CYS A 55 19.31 8.98 27.14
CA CYS A 55 19.56 7.91 28.10
C CYS A 55 18.62 7.94 29.31
N VAL A 56 17.96 9.07 29.54
CA VAL A 56 16.90 9.15 30.52
C VAL A 56 15.63 8.50 29.95
N TYR A 57 15.37 8.66 28.66
CA TYR A 57 14.13 8.21 28.03
C TYR A 57 14.16 6.81 27.44
N HIS A 58 15.32 6.19 27.28
CA HIS A 58 15.39 4.85 26.72
C HIS A 58 15.79 3.83 27.75
N LYS A 59 15.49 2.57 27.44
CA LYS A 59 15.91 1.46 28.28
C LYS A 59 17.45 1.35 28.21
N LEU A 60 18.07 1.20 29.36
CA LEU A 60 19.52 1.08 29.50
C LEU A 60 19.87 -0.33 29.86
N PHE A 61 20.86 -0.90 29.18
CA PHE A 61 21.38 -2.21 29.56
C PHE A 61 22.26 -2.07 30.79
N ASP A 62 21.93 -2.85 31.81
CA ASP A 62 22.68 -2.86 33.04
C ASP A 62 23.39 -4.21 33.15
N ALA A 63 24.68 -4.20 32.82
CA ALA A 63 25.56 -5.36 32.94
C ALA A 63 25.61 -5.93 34.36
N SER A 64 25.46 -5.04 35.34
CA SER A 64 25.42 -5.42 36.74
C SER A 64 24.18 -6.21 37.16
N ASP A 65 23.17 -6.30 36.29
CA ASP A 65 22.01 -7.15 36.50
C ASP A 65 22.01 -8.44 35.69
N SER A 66 23.08 -8.69 34.94
CA SER A 66 23.15 -9.85 34.05
C SER A 66 24.27 -10.78 34.50
N SER A 67 23.92 -12.03 34.79
CA SER A 67 24.90 -13.02 35.22
C SER A 67 25.64 -13.68 34.05
N SER A 68 25.22 -13.42 32.82
CA SER A 68 25.86 -13.99 31.64
C SER A 68 26.73 -12.94 30.92
N TYR A 69 26.85 -11.75 31.48
CA TYR A 69 27.68 -10.68 30.90
C TYR A 69 29.15 -11.05 30.92
N LYS A 70 29.84 -10.70 29.83
CA LYS A 70 31.27 -10.84 29.73
C LYS A 70 31.86 -9.51 29.28
N HIS A 71 32.68 -8.94 30.15
CA HIS A 71 33.31 -7.65 29.92
C HIS A 71 34.25 -7.71 28.72
N ASN A 72 34.26 -6.63 27.94
CA ASN A 72 35.36 -6.39 27.01
C ASN A 72 35.91 -4.98 27.22
N GLY A 73 35.07 -3.97 27.00
CA GLY A 73 35.43 -2.60 27.31
C GLY A 73 36.18 -1.83 26.25
N THR A 74 36.45 -2.42 25.08
CA THR A 74 37.02 -1.67 23.96
C THR A 74 36.07 -0.54 23.52
N GLU A 75 36.62 0.66 23.39
CA GLU A 75 35.85 1.83 23.01
C GLU A 75 35.42 1.65 21.55
N LEU A 76 34.19 2.02 21.24
CA LEU A 76 33.80 2.12 19.84
C LEU A 76 32.78 3.21 19.61
N THR A 77 32.89 3.79 18.41
CA THR A 77 32.06 4.88 17.96
C THR A 77 31.42 4.40 16.66
N LEU A 78 30.11 4.54 16.58
CA LEU A 78 29.35 4.17 15.41
C LEU A 78 28.84 5.47 14.80
N ARG A 79 29.36 5.80 13.62
CA ARG A 79 29.01 7.02 12.92
C ARG A 79 28.04 6.70 11.81
N TYR A 80 26.77 6.97 12.07
CA TYR A 80 25.75 6.86 11.05
C TYR A 80 25.64 8.16 10.29
N SER A 81 24.94 8.11 9.17
CA SER A 81 24.72 9.32 8.36
C SER A 81 23.84 10.35 9.08
N THR A 82 23.06 9.92 10.07
CA THR A 82 22.12 10.76 10.78
C THR A 82 22.58 11.13 12.18
N GLY A 83 23.73 10.62 12.60
CA GLY A 83 24.18 10.83 13.96
C GLY A 83 25.14 9.75 14.42
N THR A 84 25.65 9.96 15.62
CA THR A 84 26.72 9.17 16.16
C THR A 84 26.37 8.65 17.55
N VAL A 85 26.76 7.41 17.84
CA VAL A 85 26.76 6.91 19.20
C VAL A 85 28.14 6.40 19.52
N SER A 86 28.48 6.46 20.79
CA SER A 86 29.75 6.00 21.25
C SER A 86 29.58 5.26 22.57
N GLY A 87 30.50 4.34 22.81
CA GLY A 87 30.53 3.59 24.05
C GLY A 87 31.60 2.54 24.04
N PHE A 88 31.26 1.34 24.53
CA PHE A 88 32.23 0.26 24.64
C PHE A 88 31.62 -1.11 24.35
N LEU A 89 32.48 -2.06 24.02
CA LEU A 89 32.06 -3.41 23.67
C LEU A 89 31.77 -4.23 24.92
N SER A 90 30.68 -4.97 24.87
CA SER A 90 30.37 -5.98 25.86
C SER A 90 29.92 -7.23 25.13
N GLN A 91 29.84 -8.31 25.89
CA GLN A 91 29.30 -9.56 25.40
C GLN A 91 28.24 -10.05 26.38
N ASP A 92 27.15 -10.55 25.82
CA ASP A 92 26.15 -11.23 26.62
C ASP A 92 25.33 -12.10 25.70
N ILE A 93 24.35 -12.79 26.27
CA ILE A 93 23.41 -13.59 25.52
C ILE A 93 22.30 -12.71 24.97
N ILE A 94 22.07 -12.78 23.65
CA ILE A 94 20.98 -12.05 23.03
C ILE A 94 19.93 -13.03 22.50
N THR A 95 18.68 -12.75 22.83
CA THR A 95 17.56 -13.53 22.36
C THR A 95 16.86 -12.71 21.29
N VAL A 96 16.83 -13.26 20.07
CA VAL A 96 16.13 -12.62 18.95
C VAL A 96 15.29 -13.69 18.24
N GLY A 97 13.97 -13.46 18.18
CA GLY A 97 13.03 -14.41 17.57
C GLY A 97 13.07 -15.79 18.19
N GLY A 98 13.24 -15.88 19.51
CA GLY A 98 13.40 -17.18 20.16
C GLY A 98 14.70 -17.94 19.87
N ILE A 99 15.60 -17.32 19.10
CA ILE A 99 16.94 -17.83 18.91
C ILE A 99 17.81 -17.07 19.90
N THR A 100 18.68 -17.81 20.56
CA THR A 100 19.53 -17.33 21.62
C THR A 100 20.98 -17.41 21.13
N VAL A 101 21.73 -16.33 21.27
CA VAL A 101 23.09 -16.27 20.73
C VAL A 101 24.00 -15.45 21.62
N THR A 102 25.26 -15.89 21.76
CA THR A 102 26.30 -15.11 22.43
C THR A 102 26.81 -14.07 21.44
N GLN A 103 26.71 -12.81 21.82
CA GLN A 103 26.90 -11.71 20.91
C GLN A 103 27.70 -10.59 21.56
N MET A 104 28.69 -10.08 20.84
CA MET A 104 29.33 -8.83 21.21
C MET A 104 28.51 -7.66 20.69
N PHE A 105 28.25 -6.70 21.57
CA PHE A 105 27.46 -5.52 21.25
C PHE A 105 28.03 -4.28 21.94
N GLY A 106 27.63 -3.11 21.44
CA GLY A 106 28.02 -1.85 22.02
C GLY A 106 27.08 -1.48 23.15
N GLU A 107 27.66 -1.12 24.29
CA GLU A 107 26.96 -0.42 25.35
C GLU A 107 27.20 1.06 25.10
N VAL A 108 26.16 1.78 24.69
CA VAL A 108 26.30 3.17 24.30
C VAL A 108 26.22 4.07 25.53
N THR A 109 27.26 4.86 25.72
CA THR A 109 27.38 5.79 26.82
C THR A 109 27.24 7.23 26.37
N GLU A 110 27.26 7.48 25.06
CA GLU A 110 27.11 8.83 24.53
C GLU A 110 26.09 8.74 23.41
N MET A 111 24.95 9.37 23.64
CA MET A 111 23.75 9.15 22.85
C MET A 111 23.05 10.50 22.63
N PRO A 112 23.35 11.17 21.50
CA PRO A 112 22.88 12.53 21.30
C PRO A 112 21.37 12.62 21.14
N ALA A 113 20.83 13.75 21.58
CA ALA A 113 19.41 14.02 21.56
C ALA A 113 18.86 14.00 20.14
N LEU A 114 19.64 14.48 19.16
CA LEU A 114 19.26 14.29 17.77
C LEU A 114 20.15 13.22 17.14
N PRO A 115 19.58 12.17 16.56
CA PRO A 115 18.15 11.90 16.42
C PRO A 115 17.49 11.08 17.56
N PHE A 116 18.22 10.70 18.60
CA PHE A 116 17.74 9.62 19.45
C PHE A 116 16.64 9.96 20.42
N MET A 117 16.44 11.23 20.74
CA MET A 117 15.24 11.64 21.47
C MET A 117 13.97 11.54 20.63
N LEU A 118 14.11 11.32 19.31
CA LEU A 118 12.98 11.10 18.44
C LEU A 118 12.73 9.61 18.18
N ALA A 119 13.59 8.74 18.71
CA ALA A 119 13.50 7.31 18.46
C ALA A 119 12.58 6.66 19.49
N GLU A 120 11.62 5.88 18.99
CA GLU A 120 10.86 4.94 19.82
C GLU A 120 11.68 3.73 20.17
N PHE A 121 12.65 3.41 19.34
CA PHE A 121 13.57 2.30 19.58
C PHE A 121 14.72 2.77 20.49
N ASP A 122 15.33 1.80 21.16
CA ASP A 122 16.43 2.03 22.08
C ASP A 122 17.78 1.89 21.38
N GLY A 123 17.90 0.89 20.52
CA GLY A 123 19.14 0.57 19.86
C GLY A 123 18.96 -0.02 18.48
N VAL A 124 20.03 -0.62 17.99
CA VAL A 124 20.09 -1.12 16.63
C VAL A 124 20.73 -2.49 16.60
N VAL A 125 20.17 -3.36 15.76
CA VAL A 125 20.75 -4.63 15.45
C VAL A 125 21.16 -4.53 13.98
N GLY A 126 22.46 -4.45 13.72
CA GLY A 126 22.98 -4.38 12.37
C GLY A 126 22.85 -5.74 11.69
N MET A 127 22.31 -5.75 10.47
CA MET A 127 22.08 -6.95 9.69
C MET A 127 23.00 -7.02 8.48
N GLY A 128 24.00 -6.14 8.46
CA GLY A 128 24.96 -6.06 7.38
C GLY A 128 26.06 -7.06 7.60
N PHE A 129 27.13 -6.92 6.83
CA PHE A 129 28.20 -7.91 6.81
C PHE A 129 29.30 -7.51 7.78
N ILE A 130 30.12 -8.50 8.15
CA ILE A 130 31.23 -8.27 9.07
C ILE A 130 32.21 -7.22 8.54
N GLU A 131 32.33 -7.10 7.21
CA GLU A 131 33.23 -6.12 6.60
C GLU A 131 32.89 -4.67 6.92
N GLN A 132 31.63 -4.39 7.27
CA GLN A 132 31.22 -3.06 7.69
C GLN A 132 31.17 -2.89 9.21
N ALA A 133 31.51 -3.92 9.97
CA ALA A 133 31.35 -3.88 11.42
C ALA A 133 32.51 -3.11 12.03
N ILE A 134 32.17 -2.08 12.80
CA ILE A 134 33.17 -1.30 13.51
C ILE A 134 33.82 -2.23 14.53
N GLY A 135 35.14 -2.19 14.58
CA GLY A 135 35.91 -3.10 15.41
C GLY A 135 35.89 -4.56 14.96
N ARG A 136 35.48 -4.84 13.73
CA ARG A 136 35.43 -6.21 13.20
C ARG A 136 34.63 -7.22 14.06
N VAL A 137 33.60 -6.75 14.78
CA VAL A 137 32.85 -7.63 15.67
C VAL A 137 31.87 -8.45 14.85
N THR A 138 31.78 -9.74 15.14
CA THR A 138 30.96 -10.66 14.35
C THR A 138 29.52 -10.18 14.46
N PRO A 139 28.87 -9.89 13.31
CA PRO A 139 27.46 -9.46 13.42
C PRO A 139 26.56 -10.59 13.91
N ILE A 140 25.39 -10.23 14.40
CA ILE A 140 24.49 -11.20 15.01
C ILE A 140 24.03 -12.29 14.06
N PHE A 141 23.77 -11.95 12.80
CA PHE A 141 23.30 -12.96 11.88
C PHE A 141 24.38 -13.97 11.51
N ASP A 142 25.64 -13.52 11.44
CA ASP A 142 26.78 -14.45 11.27
C ASP A 142 26.89 -15.43 12.46
N ASN A 143 26.67 -14.94 13.68
CA ASN A 143 26.65 -15.83 14.84
C ASN A 143 25.47 -16.79 14.82
N ILE A 144 24.30 -16.35 14.36
CA ILE A 144 23.14 -17.24 14.25
C ILE A 144 23.42 -18.31 13.20
N ILE A 145 24.01 -17.93 12.06
CA ILE A 145 24.40 -18.89 11.03
C ILE A 145 25.39 -19.92 11.56
N SER A 146 26.35 -19.50 12.37
CA SER A 146 27.32 -20.42 12.99
C SER A 146 26.68 -21.51 13.85
N GLN A 147 25.50 -21.23 14.42
CA GLN A 147 24.78 -22.25 15.19
C GLN A 147 24.20 -23.39 14.35
N GLY A 148 24.03 -23.17 13.05
CA GLY A 148 23.53 -24.19 12.14
C GLY A 148 22.08 -24.60 12.36
N VAL A 149 21.27 -23.70 12.90
CA VAL A 149 19.85 -23.98 13.17
C VAL A 149 18.92 -23.49 12.05
N LEU A 150 19.29 -22.40 11.36
CA LEU A 150 18.47 -21.86 10.27
C LEU A 150 18.42 -22.79 9.04
N LYS A 151 17.23 -22.94 8.49
CA LYS A 151 16.97 -23.72 7.27
C LYS A 151 17.73 -23.18 6.06
N GLU A 152 17.81 -21.85 5.95
CA GLU A 152 18.57 -21.17 4.90
C GLU A 152 19.35 -20.00 5.48
N ASP A 153 20.39 -19.58 4.76
CA ASP A 153 21.24 -18.47 5.16
C ASP A 153 20.65 -17.15 4.62
N VAL A 154 19.40 -16.89 4.99
CA VAL A 154 18.68 -15.74 4.46
C VAL A 154 17.82 -15.16 5.58
N PHE A 155 17.50 -13.88 5.44
CA PHE A 155 16.47 -13.26 6.25
C PHE A 155 15.65 -12.31 5.40
N SER A 156 14.38 -12.15 5.79
CA SER A 156 13.41 -11.42 4.99
C SER A 156 12.70 -10.34 5.82
N PHE A 157 12.34 -9.25 5.17
CA PHE A 157 11.70 -8.11 5.81
C PHE A 157 10.35 -7.83 5.20
N TYR A 158 9.35 -7.71 6.07
CA TYR A 158 8.04 -7.22 5.72
C TYR A 158 7.80 -6.01 6.57
N TYR A 159 7.53 -4.86 5.95
CA TYR A 159 7.13 -3.67 6.68
C TYR A 159 5.72 -3.32 6.27
N ASN A 160 4.81 -3.31 7.23
CA ASN A 160 3.40 -3.04 6.94
C ASN A 160 3.16 -1.56 6.64
N ARG A 161 2.17 -1.29 5.81
CA ARG A 161 1.66 0.05 5.56
C ARG A 161 0.81 0.53 6.74
N ASP A 162 -0.06 -0.32 7.27
CA ASP A 162 -0.83 -0.02 8.50
C ASP A 162 0.14 0.26 9.65
N SER A 163 -0.04 1.41 10.31
CA SER A 163 0.81 1.82 11.43
C SER A 163 0.02 1.84 12.74
N GLN A 167 -4.69 -3.02 15.47
CA GLN A 167 -4.96 -4.46 15.58
C GLN A 167 -4.31 -5.25 14.43
N SER A 168 -3.05 -4.96 14.15
CA SER A 168 -2.27 -5.69 13.13
C SER A 168 -0.76 -5.52 13.35
N LEU A 169 0.02 -6.47 12.83
CA LEU A 169 1.47 -6.41 12.99
C LEU A 169 2.07 -5.29 12.13
N GLY A 170 3.00 -4.56 12.71
CA GLY A 170 3.67 -3.46 12.01
C GLY A 170 4.65 -3.96 10.96
N GLY A 171 5.15 -5.17 11.15
CA GLY A 171 6.09 -5.77 10.22
C GLY A 171 6.58 -7.10 10.76
N GLN A 172 7.49 -7.72 10.04
CA GLN A 172 7.97 -9.05 10.38
C GLN A 172 9.30 -9.31 9.70
N ILE A 173 10.29 -9.77 10.49
CA ILE A 173 11.53 -10.29 9.97
C ILE A 173 11.49 -11.80 10.12
N VAL A 174 11.70 -12.52 9.02
CA VAL A 174 11.84 -13.97 9.07
C VAL A 174 13.33 -14.25 9.02
N LEU A 175 13.84 -14.96 10.02
CA LEU A 175 15.21 -15.41 10.05
C LEU A 175 15.20 -16.83 9.53
N GLY A 176 15.91 -17.08 8.43
CA GLY A 176 16.04 -18.41 7.84
C GLY A 176 15.13 -18.70 6.67
N GLY A 177 14.48 -17.67 6.13
CA GLY A 177 13.53 -17.86 5.06
C GLY A 177 12.70 -16.62 4.81
N SER A 178 11.54 -16.82 4.22
CA SER A 178 10.60 -15.75 3.96
C SER A 178 9.21 -16.26 4.31
N ASP A 179 8.25 -15.34 4.40
CA ASP A 179 6.87 -15.71 4.73
C ASP A 179 5.96 -15.39 3.53
N PRO A 180 5.47 -16.43 2.82
CA PRO A 180 4.53 -16.19 1.72
C PRO A 180 3.16 -15.58 2.08
N GLN A 181 2.81 -15.51 3.37
CA GLN A 181 1.65 -14.72 3.81
C GLN A 181 1.78 -13.23 3.47
N HIS A 182 3.02 -12.71 3.44
CA HIS A 182 3.27 -11.29 3.21
C HIS A 182 3.91 -10.90 1.87
N TYR A 183 3.94 -11.81 0.90
CA TYR A 183 4.29 -11.44 -0.46
C TYR A 183 3.55 -12.27 -1.50
N GLU A 184 3.59 -11.80 -2.73
CA GLU A 184 2.94 -12.50 -3.83
C GLU A 184 3.77 -12.36 -5.09
N GLY A 185 3.51 -13.27 -6.02
CA GLY A 185 4.31 -13.41 -7.22
C GLY A 185 5.68 -14.00 -6.90
N ASN A 186 6.53 -14.02 -7.92
CA ASN A 186 7.89 -14.53 -7.75
C ASN A 186 8.80 -13.46 -7.20
N PHE A 187 9.84 -13.90 -6.50
CA PHE A 187 10.97 -13.04 -6.21
C PHE A 187 11.72 -12.71 -7.49
N HIS A 188 12.17 -11.47 -7.59
CA HIS A 188 13.16 -11.07 -8.58
C HIS A 188 14.45 -10.82 -7.82
N TYR A 189 15.50 -11.55 -8.20
CA TYR A 189 16.77 -11.53 -7.50
C TYR A 189 17.76 -10.64 -8.21
N ILE A 190 18.37 -9.73 -7.46
CA ILE A 190 19.51 -8.95 -7.95
C ILE A 190 20.75 -9.35 -7.14
N ASN A 191 21.86 -9.60 -7.84
CA ASN A 191 23.12 -9.88 -7.17
C ASN A 191 23.71 -8.61 -6.60
N LEU A 192 24.37 -8.75 -5.46
CA LEU A 192 25.12 -7.65 -4.88
C LEU A 192 26.29 -7.32 -5.81
N ILE A 193 26.71 -6.06 -5.80
CA ILE A 193 27.94 -5.64 -6.47
C ILE A 193 29.12 -6.37 -5.85
N LYS A 194 29.12 -6.45 -4.52
CA LYS A 194 30.06 -7.30 -3.80
C LYS A 194 29.51 -7.74 -2.46
N THR A 195 29.99 -8.89 -2.00
CA THR A 195 29.86 -9.25 -0.58
C THR A 195 30.44 -8.12 0.29
N GLY A 196 29.87 -7.95 1.47
CA GLY A 196 30.32 -6.93 2.43
C GLY A 196 29.34 -5.78 2.62
N VAL A 197 28.40 -5.61 1.70
CA VAL A 197 27.39 -4.56 1.79
C VAL A 197 26.13 -4.95 1.00
N TRP A 198 24.95 -4.63 1.55
CA TRP A 198 23.69 -4.94 0.87
C TRP A 198 23.39 -3.85 -0.15
N GLN A 199 24.23 -3.81 -1.19
CA GLN A 199 24.19 -2.77 -2.19
C GLN A 199 24.15 -3.41 -3.58
N ILE A 200 23.29 -2.88 -4.43
CA ILE A 200 23.08 -3.41 -5.76
C ILE A 200 23.21 -2.29 -6.77
N GLN A 201 23.47 -2.66 -8.02
CA GLN A 201 23.53 -1.71 -9.12
C GLN A 201 22.12 -1.21 -9.42
N MET A 202 21.99 0.09 -9.64
CA MET A 202 20.76 0.68 -10.13
C MET A 202 21.03 1.29 -11.49
N LYS A 203 20.07 1.11 -12.40
CA LYS A 203 20.23 1.46 -13.82
C LYS A 203 19.42 2.68 -14.25
N GLY A 204 18.78 3.37 -13.31
CA GLY A 204 17.99 4.55 -13.65
C GLY A 204 16.95 4.87 -12.61
N VAL A 205 16.69 6.16 -12.42
CA VAL A 205 15.57 6.62 -11.61
C VAL A 205 14.71 7.49 -12.53
N SER A 206 13.44 7.11 -12.65
CA SER A 206 12.49 7.82 -13.52
C SER A 206 11.44 8.56 -12.72
N VAL A 207 11.00 9.68 -13.27
CA VAL A 207 9.84 10.41 -12.79
C VAL A 207 8.82 10.40 -13.94
N GLY A 208 7.85 9.50 -13.86
CA GLY A 208 6.98 9.17 -14.99
C GLY A 208 7.70 8.26 -15.98
N SER A 209 7.68 8.63 -17.27
CA SER A 209 8.46 7.92 -18.31
C SER A 209 9.87 8.49 -18.55
N SER A 210 10.22 9.59 -17.84
CA SER A 210 11.47 10.32 -18.07
CA SER A 210 11.46 10.32 -18.08
C SER A 210 12.58 9.92 -17.09
N THR A 211 13.47 9.04 -17.53
CA THR A 211 14.65 8.66 -16.72
C THR A 211 15.71 9.76 -16.76
N LEU A 212 15.46 10.86 -16.04
CA LEU A 212 16.44 11.95 -15.98
C LEU A 212 17.34 11.88 -14.73
N LEU A 213 17.48 10.69 -14.13
CA LEU A 213 18.44 10.45 -13.05
C LEU A 213 19.09 9.08 -13.15
N CYS A 214 20.36 8.99 -12.71
CA CYS A 214 21.12 7.74 -12.69
C CYS A 214 21.23 7.07 -14.08
N GLU A 215 21.37 7.90 -15.11
CA GLU A 215 21.36 7.43 -16.50
C GLU A 215 22.50 6.44 -16.81
N ASP A 216 23.70 6.72 -16.29
CA ASP A 216 24.87 5.84 -16.52
C ASP A 216 25.12 4.82 -15.39
N GLY A 217 24.11 4.58 -14.55
CA GLY A 217 24.21 3.62 -13.45
C GLY A 217 24.64 4.30 -12.16
N CYS A 218 24.15 3.76 -11.05
CA CYS A 218 24.49 4.27 -9.73
C CYS A 218 24.32 3.14 -8.73
N LEU A 219 24.55 3.43 -7.45
CA LEU A 219 24.46 2.44 -6.40
C LEU A 219 23.14 2.58 -5.64
N ALA A 220 22.62 1.45 -5.16
CA ALA A 220 21.44 1.44 -4.29
C ALA A 220 21.68 0.52 -3.11
N LEU A 221 21.75 1.11 -1.93
CA LEU A 221 21.81 0.34 -0.69
C LEU A 221 20.37 -0.02 -0.28
N VAL A 222 20.15 -1.28 0.06
CA VAL A 222 18.84 -1.71 0.51
C VAL A 222 18.94 -1.68 2.02
N ASP A 223 18.32 -0.66 2.62
CA ASP A 223 18.59 -0.28 4.00
C ASP A 223 17.33 -0.35 4.86
N THR A 224 17.18 -1.45 5.57
CA THR A 224 16.00 -1.69 6.37
C THR A 224 15.91 -0.78 7.59
N GLY A 225 17.05 -0.17 7.97
CA GLY A 225 17.12 0.72 9.10
C GLY A 225 16.91 2.18 8.77
N ALA A 226 16.57 2.48 7.52
CA ALA A 226 16.27 3.85 7.08
C ALA A 226 14.78 4.03 6.85
N SER A 227 14.27 5.22 7.16
CA SER A 227 12.85 5.51 7.03
C SER A 227 12.43 5.71 5.59
N TYR A 228 13.27 6.36 4.82
CA TYR A 228 12.88 6.89 3.54
C TYR A 228 13.74 6.27 2.45
N ILE A 229 13.36 6.55 1.22
CA ILE A 229 14.28 6.46 0.11
C ILE A 229 15.19 7.69 0.18
N SER A 230 16.48 7.50 -0.06
CA SER A 230 17.39 8.62 -0.14
C SER A 230 18.35 8.53 -1.30
N GLY A 231 18.82 9.70 -1.71
CA GLY A 231 19.87 9.83 -2.71
C GLY A 231 20.79 10.95 -2.26
N SER A 232 21.80 11.21 -3.07
CA SER A 232 22.68 12.35 -2.85
C SER A 232 21.89 13.64 -2.95
N THR A 233 22.41 14.68 -2.30
CA THR A 233 21.77 16.00 -2.29
C THR A 233 21.45 16.45 -3.71
N SER A 234 22.43 16.40 -4.61
CA SER A 234 22.24 16.82 -6.00
C SER A 234 21.23 15.96 -6.75
N SER A 235 21.27 14.64 -6.52
CA SER A 235 20.28 13.73 -7.08
C SER A 235 18.87 14.07 -6.60
N ILE A 236 18.72 14.23 -5.29
CA ILE A 236 17.42 14.51 -4.70
C ILE A 236 16.90 15.90 -5.09
N GLU A 237 17.78 16.89 -5.12
CA GLU A 237 17.41 18.21 -5.61
C GLU A 237 16.80 18.16 -7.01
N LYS A 238 17.41 17.41 -7.92
CA LYS A 238 16.88 17.27 -9.29
C LYS A 238 15.56 16.48 -9.31
N LEU A 239 15.48 15.41 -8.53
CA LEU A 239 14.24 14.66 -8.35
C LEU A 239 13.11 15.56 -7.86
N MET A 240 13.41 16.39 -6.86
CA MET A 240 12.40 17.23 -6.24
C MET A 240 11.96 18.41 -7.12
N GLU A 241 12.90 18.97 -7.88
CA GLU A 241 12.57 19.97 -8.91
C GLU A 241 11.58 19.42 -9.94
N ALA A 242 11.74 18.16 -10.30
CA ALA A 242 10.81 17.47 -11.20
C ALA A 242 9.44 17.24 -10.56
N LEU A 243 9.40 16.91 -9.27
CA LEU A 243 8.13 16.77 -8.54
C LEU A 243 7.47 18.11 -8.19
N GLY A 244 8.24 19.20 -8.19
CA GLY A 244 7.73 20.51 -7.79
C GLY A 244 7.63 20.68 -6.28
N ALA A 245 8.51 19.98 -5.56
CA ALA A 245 8.48 19.96 -4.09
C ALA A 245 9.38 21.06 -3.53
N LYS A 246 9.07 21.52 -2.33
CA LYS A 246 9.82 22.59 -1.66
C LYS A 246 10.73 21.98 -0.60
N LYS A 247 11.98 22.46 -0.54
CA LYS A 247 12.96 21.99 0.42
C LYS A 247 12.79 22.68 1.77
N ARG A 248 12.61 21.91 2.83
CA ARG A 248 12.69 22.41 4.19
C ARG A 248 14.02 21.95 4.81
N LEU A 249 14.22 22.17 6.11
CA LEU A 249 15.42 21.71 6.83
C LEU A 249 15.69 20.22 6.66
N PHE A 250 14.70 19.39 7.02
CA PHE A 250 14.90 17.95 7.10
C PHE A 250 14.10 17.12 6.11
N ASP A 251 13.25 17.76 5.30
CA ASP A 251 12.37 17.03 4.40
C ASP A 251 11.98 17.90 3.23
N TYR A 252 11.29 17.28 2.29
CA TYR A 252 10.67 17.95 1.18
C TYR A 252 9.16 17.84 1.35
N VAL A 253 8.45 18.87 0.88
CA VAL A 253 6.99 18.94 1.01
C VAL A 253 6.38 19.41 -0.29
N VAL A 254 5.13 19.03 -0.49
CA VAL A 254 4.27 19.61 -1.52
C VAL A 254 3.01 20.10 -0.83
N LYS A 255 2.25 20.95 -1.49
CA LYS A 255 0.94 21.33 -0.98
C LYS A 255 0.12 20.04 -1.01
N CYS A 256 -0.57 19.74 0.09
CA CYS A 256 -1.25 18.45 0.26
C CYS A 256 -2.22 18.10 -0.85
N ASN A 257 -2.89 19.12 -1.40
CA ASN A 257 -3.74 18.92 -2.58
C ASN A 257 -3.00 18.40 -3.82
N GLU A 258 -1.70 18.67 -3.91
CA GLU A 258 -0.88 18.25 -5.05
C GLU A 258 -0.40 16.82 -4.90
N GLY A 259 -0.36 16.33 -3.65
CA GLY A 259 0.13 15.00 -3.34
C GLY A 259 -0.34 13.88 -4.25
N PRO A 260 -1.67 13.71 -4.39
CA PRO A 260 -2.17 12.64 -5.25
C PRO A 260 -1.82 12.81 -6.73
N THR A 261 -1.66 14.05 -7.21
CA THR A 261 -1.28 14.31 -8.62
C THR A 261 0.20 14.05 -8.96
N LEU A 262 1.03 13.75 -7.97
CA LEU A 262 2.47 13.57 -8.19
C LEU A 262 2.76 12.32 -9.03
N PRO A 263 3.75 12.41 -9.94
CA PRO A 263 4.05 11.31 -10.85
C PRO A 263 4.70 10.11 -10.17
N ASP A 264 4.66 8.98 -10.87
CA ASP A 264 5.31 7.76 -10.44
C ASP A 264 6.81 7.95 -10.41
N ILE A 265 7.46 7.28 -9.49
CA ILE A 265 8.91 7.22 -9.45
C ILE A 265 9.33 5.76 -9.57
N SER A 266 10.14 5.48 -10.58
CA SER A 266 10.62 4.13 -10.86
C SER A 266 12.12 3.98 -10.66
N PHE A 267 12.50 2.85 -10.08
CA PHE A 267 13.88 2.50 -9.78
C PHE A 267 14.21 1.27 -10.62
N HIS A 268 15.17 1.42 -11.53
CA HIS A 268 15.53 0.38 -12.46
C HIS A 268 16.53 -0.56 -11.79
N LEU A 269 16.03 -1.64 -11.20
CA LEU A 269 16.86 -2.59 -10.45
C LEU A 269 16.84 -3.95 -11.14
N GLY A 270 18.01 -4.50 -11.43
CA GLY A 270 18.14 -5.83 -12.04
C GLY A 270 17.29 -6.09 -13.27
N GLY A 271 17.10 -5.07 -14.11
CA GLY A 271 16.31 -5.21 -15.34
C GLY A 271 14.83 -4.88 -15.25
N LYS A 272 14.28 -4.73 -14.04
CA LYS A 272 12.87 -4.32 -13.85
C LYS A 272 12.75 -2.91 -13.30
N GLU A 273 11.60 -2.28 -13.57
CA GLU A 273 11.24 -1.00 -13.00
C GLU A 273 10.43 -1.26 -11.74
N TYR A 274 10.94 -0.79 -10.60
CA TYR A 274 10.22 -0.82 -9.33
C TYR A 274 9.58 0.55 -9.14
N THR A 275 8.26 0.59 -9.33
CA THR A 275 7.55 1.84 -9.42
C THR A 275 6.79 2.11 -8.13
N LEU A 276 7.05 3.28 -7.54
CA LEU A 276 6.24 3.81 -6.45
C LEU A 276 5.29 4.85 -7.02
N THR A 277 4.02 4.81 -6.64
CA THR A 277 3.08 5.88 -6.96
C THR A 277 3.16 6.93 -5.85
N SER A 278 2.50 8.07 -6.05
CA SER A 278 2.44 9.11 -5.02
C SER A 278 1.89 8.61 -3.69
N ALA A 279 0.95 7.67 -3.73
CA ALA A 279 0.42 7.05 -2.51
C ALA A 279 1.51 6.32 -1.71
N ASP A 280 2.50 5.78 -2.41
CA ASP A 280 3.63 5.11 -1.79
C ASP A 280 4.67 6.04 -1.16
N TYR A 281 4.79 7.28 -1.61
CA TYR A 281 5.85 8.17 -1.07
C TYR A 281 5.40 9.55 -0.53
N VAL A 282 4.08 9.80 -0.49
CA VAL A 282 3.56 11.02 0.09
C VAL A 282 2.84 10.65 1.37
N PHE A 283 3.22 11.30 2.47
CA PHE A 283 2.44 11.25 3.69
C PHE A 283 1.22 12.11 3.50
N GLN A 284 0.17 11.48 2.97
CA GLN A 284 -1.06 12.19 2.61
C GLN A 284 -1.93 12.36 3.86
N GLU A 285 -1.59 13.36 4.68
CA GLU A 285 -2.32 13.62 5.93
C GLU A 285 -3.49 14.59 5.75
N SER A 286 -3.73 15.02 4.51
CA SER A 286 -4.72 16.06 4.22
C SER A 286 -4.77 16.22 2.70
N TYR A 287 -5.84 16.86 2.22
CA TYR A 287 -5.97 17.26 0.81
C TYR A 287 -6.02 18.78 0.64
N SER A 288 -5.77 19.51 1.72
CA SER A 288 -5.87 20.97 1.74
C SER A 288 -4.74 21.62 0.94
N SER A 289 -5.07 22.67 0.17
CA SER A 289 -4.05 23.48 -0.48
C SER A 289 -3.31 24.41 0.49
N LYS A 290 -3.83 24.58 1.71
CA LYS A 290 -3.21 25.40 2.76
C LYS A 290 -2.31 24.61 3.69
N LYS A 291 -2.21 23.29 3.50
CA LYS A 291 -1.31 22.45 4.30
C LYS A 291 -0.25 21.83 3.42
N LEU A 292 0.83 21.40 4.08
CA LEU A 292 1.99 20.83 3.44
C LEU A 292 2.08 19.37 3.83
N CYS A 293 2.48 18.53 2.88
CA CYS A 293 2.55 17.09 3.09
C CYS A 293 3.98 16.65 2.80
N THR A 294 4.55 15.88 3.72
CA THR A 294 5.94 15.47 3.58
C THR A 294 6.06 14.30 2.60
N LEU A 295 7.19 14.28 1.87
CA LEU A 295 7.54 13.16 1.02
C LEU A 295 8.48 12.25 1.79
N ALA A 296 8.32 10.95 1.56
CA ALA A 296 9.14 9.92 2.21
C ALA A 296 10.41 9.67 1.39
N ILE A 297 11.03 10.75 0.92
CA ILE A 297 12.23 10.76 0.11
C ILE A 297 13.03 11.98 0.56
N HIS A 298 14.32 11.81 0.82
CA HIS A 298 15.19 12.94 1.18
C HIS A 298 16.66 12.69 0.85
N ALA A 299 17.49 13.70 1.08
CA ALA A 299 18.92 13.62 0.78
C ALA A 299 19.64 12.91 1.90
N MET A 300 20.47 11.92 1.57
CA MET A 300 21.47 11.40 2.50
C MET A 300 22.77 11.27 1.70
N ASP A 301 23.74 12.11 2.04
CA ASP A 301 25.05 12.06 1.41
C ASP A 301 25.92 11.11 2.18
N ILE A 302 26.21 9.98 1.55
CA ILE A 302 26.96 8.90 2.18
C ILE A 302 28.35 8.94 1.56
N PRO A 303 29.41 9.00 2.40
CA PRO A 303 30.75 9.12 1.82
C PRO A 303 31.27 7.78 1.29
N PRO A 304 32.34 7.81 0.48
CA PRO A 304 32.94 6.54 0.03
C PRO A 304 33.63 5.77 1.18
N PRO A 305 33.85 4.46 1.03
CA PRO A 305 33.57 3.69 -0.19
C PRO A 305 32.09 3.29 -0.43
N THR A 306 31.23 3.42 0.58
CA THR A 306 29.83 2.99 0.44
C THR A 306 29.05 3.88 -0.51
N GLY A 307 29.28 5.19 -0.44
CA GLY A 307 28.60 6.16 -1.29
C GLY A 307 29.54 6.92 -2.21
N PRO A 308 29.04 7.91 -2.97
CA PRO A 308 27.63 8.30 -2.99
C PRO A 308 26.69 7.18 -3.44
N THR A 309 25.51 7.09 -2.84
CA THR A 309 24.59 6.00 -3.14
C THR A 309 23.15 6.38 -2.82
N TRP A 310 22.23 5.81 -3.57
CA TRP A 310 20.84 5.81 -3.14
C TRP A 310 20.70 4.79 -2.01
N ALA A 311 19.68 4.97 -1.18
CA ALA A 311 19.31 4.01 -0.17
C ALA A 311 17.81 3.78 -0.24
N LEU A 312 17.41 2.52 -0.24
CA LEU A 312 16.02 2.14 -0.35
C LEU A 312 15.60 1.66 1.02
N GLY A 313 14.95 2.56 1.77
CA GLY A 313 14.48 2.30 3.12
C GLY A 313 13.03 1.84 3.16
N ALA A 314 12.37 2.14 4.27
CA ALA A 314 11.01 1.66 4.54
C ALA A 314 10.00 2.04 3.46
N THR A 315 10.12 3.25 2.91
CA THR A 315 9.25 3.66 1.79
C THR A 315 9.21 2.62 0.67
N PHE A 316 10.37 2.06 0.35
CA PHE A 316 10.51 1.04 -0.69
C PHE A 316 10.07 -0.35 -0.23
N ILE A 317 10.55 -0.74 0.94
CA ILE A 317 10.33 -2.05 1.51
C ILE A 317 8.85 -2.28 1.81
N ARG A 318 8.12 -1.23 2.19
CA ARG A 318 6.66 -1.34 2.33
C ARG A 318 5.98 -1.90 1.09
N LYS A 319 6.43 -1.49 -0.09
CA LYS A 319 5.85 -2.01 -1.32
C LYS A 319 6.45 -3.34 -1.74
N PHE A 320 7.75 -3.50 -1.49
CA PHE A 320 8.48 -4.68 -1.93
C PHE A 320 9.07 -5.46 -0.76
N TYR A 321 8.43 -6.59 -0.48
CA TYR A 321 8.93 -7.58 0.46
C TYR A 321 10.35 -7.94 0.04
N THR A 322 11.28 -7.92 0.98
CA THR A 322 12.69 -8.06 0.64
C THR A 322 13.32 -9.26 1.34
N GLU A 323 13.94 -10.13 0.55
CA GLU A 323 14.71 -11.25 1.04
C GLU A 323 16.18 -10.90 0.86
N PHE A 324 16.94 -11.05 1.94
CA PHE A 324 18.38 -10.81 1.92
C PHE A 324 19.05 -12.17 1.96
N ASP A 325 19.69 -12.55 0.84
CA ASP A 325 20.27 -13.87 0.69
C ASP A 325 21.80 -13.84 0.88
N ARG A 326 22.24 -14.24 2.07
CA ARG A 326 23.67 -14.37 2.37
C ARG A 326 24.36 -15.54 1.68
N ARG A 327 23.62 -16.61 1.42
CA ARG A 327 24.18 -17.81 0.80
C ARG A 327 24.62 -17.53 -0.64
N ASN A 328 23.87 -16.69 -1.35
CA ASN A 328 24.15 -16.35 -2.75
C ASN A 328 24.54 -14.88 -3.02
N ASN A 329 24.68 -14.05 -1.98
CA ASN A 329 24.99 -12.62 -2.12
C ASN A 329 24.05 -11.91 -3.09
N ARG A 330 22.77 -11.91 -2.76
CA ARG A 330 21.74 -11.33 -3.59
C ARG A 330 20.58 -10.87 -2.75
N ILE A 331 19.78 -10.01 -3.36
CA ILE A 331 18.59 -9.48 -2.76
C ILE A 331 17.43 -9.86 -3.67
N GLY A 332 16.39 -10.44 -3.06
CA GLY A 332 15.17 -10.79 -3.77
C GLY A 332 14.09 -9.80 -3.38
N PHE A 333 13.43 -9.23 -4.38
CA PHE A 333 12.24 -8.39 -4.16
C PHE A 333 11.01 -9.09 -4.70
N ALA A 334 9.94 -9.05 -3.91
CA ALA A 334 8.62 -9.52 -4.32
C ALA A 334 7.59 -8.49 -3.87
N LEU A 335 6.44 -8.46 -4.55
CA LEU A 335 5.32 -7.59 -4.15
C LEU A 335 4.81 -7.92 -2.75
N ALA A 336 4.87 -6.95 -1.84
CA ALA A 336 4.36 -7.13 -0.48
C ALA A 336 2.83 -7.17 -0.47
N ARG A 337 2.26 -7.90 0.50
CA ARG A 337 0.81 -7.87 0.75
C ARG A 337 0.47 -8.01 2.25
N GLY B 1 -6.73 -23.89 -8.87
CA GLY B 1 -5.36 -23.91 -8.27
C GLY B 1 -5.36 -23.59 -6.78
N ASN B 2 -4.27 -22.99 -6.32
CA ASN B 2 -4.07 -22.74 -4.90
C ASN B 2 -3.42 -21.37 -4.64
N THR B 3 -3.77 -20.37 -5.45
CA THR B 3 -3.23 -19.03 -5.24
C THR B 3 -4.31 -17.96 -5.06
N THR B 4 -3.96 -16.93 -4.31
CA THR B 4 -4.72 -15.71 -4.26
C THR B 4 -3.77 -14.59 -4.66
N SER B 5 -4.34 -13.50 -5.13
CA SER B 5 -3.60 -12.30 -5.48
C SER B 5 -4.33 -11.13 -4.85
N SER B 6 -3.59 -10.27 -4.16
CA SER B 6 -4.16 -9.07 -3.60
C SER B 6 -3.59 -7.83 -4.30
N VAL B 7 -4.43 -6.82 -4.43
CA VAL B 7 -4.03 -5.53 -4.96
C VAL B 7 -4.38 -4.53 -3.88
N ILE B 8 -3.36 -3.80 -3.41
CA ILE B 8 -3.58 -2.72 -2.44
C ILE B 8 -4.18 -1.52 -3.18
N LEU B 9 -5.19 -0.92 -2.56
CA LEU B 9 -5.91 0.20 -3.13
C LEU B 9 -5.59 1.49 -2.38
N THR B 10 -5.49 2.57 -3.15
CA THR B 10 -5.42 3.91 -2.62
C THR B 10 -6.86 4.43 -2.49
N ASN B 11 -7.12 5.09 -1.37
CA ASN B 11 -8.37 5.75 -1.10
C ASN B 11 -8.16 7.26 -1.21
N TYR B 12 -8.67 7.85 -2.30
CA TYR B 12 -8.71 9.30 -2.45
C TYR B 12 -10.07 9.83 -1.98
N MET B 13 -10.05 10.57 -0.86
CA MET B 13 -11.21 11.34 -0.37
C MET B 13 -12.49 10.53 -0.09
N ASP B 14 -12.37 9.22 0.16
CA ASP B 14 -13.54 8.32 0.23
C ASP B 14 -14.41 8.28 -1.03
N THR B 15 -13.96 8.84 -2.14
CA THR B 15 -14.75 8.88 -3.38
C THR B 15 -14.14 8.09 -4.54
N GLN B 16 -12.84 7.86 -4.52
CA GLN B 16 -12.16 7.07 -5.54
C GLN B 16 -11.25 6.06 -4.88
N TYR B 17 -11.40 4.80 -5.29
CA TYR B 17 -10.51 3.72 -4.87
C TYR B 17 -9.93 3.09 -6.11
N TYR B 18 -8.61 2.95 -6.11
CA TYR B 18 -7.92 2.43 -7.28
C TYR B 18 -6.64 1.77 -6.85
N GLY B 19 -6.17 0.84 -7.68
CA GLY B 19 -4.91 0.16 -7.43
C GLY B 19 -4.13 0.07 -8.70
N GLU B 20 -3.01 -0.64 -8.64
CA GLU B 20 -2.09 -0.71 -9.77
C GLU B 20 -2.24 -2.01 -10.55
N ILE B 21 -2.19 -1.90 -11.87
CA ILE B 21 -1.97 -3.04 -12.74
C ILE B 21 -0.79 -2.71 -13.61
N GLY B 22 -0.09 -3.73 -14.08
CA GLY B 22 0.93 -3.60 -15.11
C GLY B 22 0.35 -4.01 -16.45
N ILE B 23 0.72 -3.31 -17.52
CA ILE B 23 0.36 -3.70 -18.89
C ILE B 23 1.62 -3.65 -19.75
N GLY B 24 1.95 -4.77 -20.37
CA GLY B 24 3.10 -4.87 -21.27
C GLY B 24 4.26 -5.67 -20.70
N THR B 25 5.28 -5.85 -21.53
CA THR B 25 6.56 -6.41 -21.11
C THR B 25 7.62 -5.42 -21.60
N PRO B 26 8.32 -4.72 -20.70
CA PRO B 26 8.09 -4.73 -19.25
C PRO B 26 6.76 -4.07 -18.87
N PRO B 27 6.26 -4.31 -17.64
CA PRO B 27 4.99 -3.69 -17.25
C PRO B 27 5.03 -2.15 -17.19
N GLN B 28 4.04 -1.52 -17.81
CA GLN B 28 3.70 -0.10 -17.59
C GLN B 28 2.58 -0.03 -16.55
N THR B 29 2.80 0.76 -15.50
CA THR B 29 1.92 0.80 -14.32
C THR B 29 0.80 1.81 -14.50
N PHE B 30 -0.43 1.38 -14.26
CA PHE B 30 -1.60 2.26 -14.31
C PHE B 30 -2.40 2.14 -13.04
N LYS B 31 -2.93 3.27 -12.59
CA LYS B 31 -3.89 3.30 -11.50
C LYS B 31 -5.26 3.03 -12.09
N VAL B 32 -5.97 2.03 -11.56
CA VAL B 32 -7.27 1.66 -12.13
C VAL B 32 -8.33 1.44 -11.07
N VAL B 33 -9.55 1.86 -11.38
CA VAL B 33 -10.72 1.47 -10.62
C VAL B 33 -11.09 0.03 -11.00
N PHE B 34 -11.27 -0.82 -10.00
CA PHE B 34 -11.82 -2.16 -10.22
C PHE B 34 -13.33 -2.06 -10.00
N ASP B 35 -14.07 -2.28 -11.08
CA ASP B 35 -15.44 -1.86 -11.20
C ASP B 35 -16.34 -3.05 -11.55
N THR B 36 -17.09 -3.55 -10.56
CA THR B 36 -18.07 -4.59 -10.79
C THR B 36 -19.26 -4.14 -11.64
N GLY B 37 -19.44 -2.83 -11.81
CA GLY B 37 -20.51 -2.30 -12.64
C GLY B 37 -20.25 -2.29 -14.13
N SER B 38 -19.07 -2.72 -14.56
CA SER B 38 -18.76 -2.81 -15.99
C SER B 38 -17.79 -3.95 -16.21
N SER B 39 -17.50 -4.25 -17.47
CA SER B 39 -16.79 -5.47 -17.83
C SER B 39 -15.64 -5.30 -18.81
N ASN B 40 -15.27 -4.06 -19.14
CA ASN B 40 -14.15 -3.78 -20.02
C ASN B 40 -12.95 -3.30 -19.23
N VAL B 41 -11.76 -3.65 -19.70
CA VAL B 41 -10.51 -3.07 -19.22
C VAL B 41 -10.12 -2.01 -20.22
N TRP B 42 -9.80 -0.82 -19.74
CA TRP B 42 -9.16 0.19 -20.57
C TRP B 42 -8.19 1.04 -19.76
N VAL B 43 -7.22 1.60 -20.47
CA VAL B 43 -6.33 2.63 -19.95
C VAL B 43 -6.17 3.67 -21.07
N PRO B 44 -5.72 4.89 -20.72
CA PRO B 44 -5.49 5.88 -21.76
C PRO B 44 -4.29 5.49 -22.65
N SER B 45 -4.40 5.81 -23.94
CA SER B 45 -3.35 5.48 -24.91
C SER B 45 -2.41 6.66 -25.09
N SER B 46 -1.16 6.35 -25.46
CA SER B 46 -0.21 7.36 -25.97
C SER B 46 -0.66 7.99 -27.29
N LYS B 47 -1.54 7.31 -28.01
CA LYS B 47 -2.24 7.88 -29.17
C LYS B 47 -3.36 8.87 -28.82
N CYS B 48 -3.72 9.02 -27.53
CA CYS B 48 -4.70 10.02 -27.11
C CYS B 48 -4.15 11.42 -27.29
N SER B 49 -4.96 12.31 -27.87
CA SER B 49 -4.57 13.69 -28.12
C SER B 49 -4.29 14.44 -26.80
N ARG B 50 -3.24 15.25 -26.81
CA ARG B 50 -2.93 16.14 -25.68
C ARG B 50 -3.96 17.27 -25.49
N LEU B 51 -4.85 17.46 -26.47
CA LEU B 51 -5.97 18.41 -26.34
C LEU B 51 -7.07 17.90 -25.40
N TYR B 52 -7.18 16.58 -25.25
CA TYR B 52 -7.92 16.00 -24.12
C TYR B 52 -7.07 16.21 -22.87
N THR B 53 -7.47 17.19 -22.06
CA THR B 53 -6.74 17.53 -20.84
C THR B 53 -6.50 16.31 -19.92
N ALA B 54 -7.47 15.38 -19.88
CA ALA B 54 -7.29 14.15 -19.11
C ALA B 54 -6.13 13.28 -19.62
N CYS B 55 -5.85 13.32 -20.91
CA CYS B 55 -4.68 12.61 -21.45
C CYS B 55 -3.33 13.31 -21.23
N VAL B 56 -3.34 14.57 -20.81
CA VAL B 56 -2.11 15.23 -20.36
C VAL B 56 -1.72 14.79 -18.95
N TYR B 57 -2.70 14.66 -18.06
CA TYR B 57 -2.44 14.41 -16.63
C TYR B 57 -2.63 12.95 -16.19
N HIS B 58 -2.77 12.02 -17.13
CA HIS B 58 -2.81 10.59 -16.81
C HIS B 58 -1.73 9.85 -17.53
N LYS B 59 -1.42 8.68 -16.99
CA LYS B 59 -0.42 7.82 -17.60
C LYS B 59 -0.98 7.22 -18.90
N LEU B 60 -0.12 7.17 -19.92
CA LEU B 60 -0.53 6.74 -21.24
C LEU B 60 0.21 5.44 -21.59
N PHE B 61 -0.53 4.47 -22.11
CA PHE B 61 0.07 3.21 -22.55
C PHE B 61 0.73 3.43 -23.91
N ASP B 62 1.99 3.03 -24.01
CA ASP B 62 2.74 3.08 -25.26
C ASP B 62 3.00 1.66 -25.73
N ALA B 63 2.27 1.25 -26.77
CA ALA B 63 2.33 -0.10 -27.33
C ALA B 63 3.71 -0.44 -27.90
N SER B 64 4.38 0.52 -28.51
CA SER B 64 5.71 0.30 -29.09
C SER B 64 6.79 -0.05 -28.05
N ASP B 65 6.55 0.29 -26.78
CA ASP B 65 7.45 -0.09 -25.69
C ASP B 65 7.17 -1.47 -25.06
N SER B 66 6.20 -2.23 -25.57
CA SER B 66 5.87 -3.57 -25.06
C SER B 66 6.20 -4.67 -26.08
N SER B 67 7.07 -5.62 -25.70
CA SER B 67 7.41 -6.76 -26.58
C SER B 67 6.28 -7.80 -26.72
N SER B 68 5.32 -7.78 -25.79
CA SER B 68 4.17 -8.68 -25.81
C SER B 68 2.88 -8.06 -26.39
N TYR B 69 2.93 -6.79 -26.81
CA TYR B 69 1.77 -6.13 -27.42
C TYR B 69 1.37 -6.82 -28.73
N LYS B 70 0.07 -7.03 -28.90
CA LYS B 70 -0.50 -7.47 -30.17
C LYS B 70 -1.59 -6.48 -30.58
N HIS B 71 -1.43 -5.93 -31.78
CA HIS B 71 -2.38 -5.00 -32.38
C HIS B 71 -3.74 -5.66 -32.59
N ASN B 72 -4.80 -4.87 -32.49
CA ASN B 72 -6.12 -5.29 -32.98
C ASN B 72 -6.77 -4.14 -33.73
N GLY B 73 -7.07 -3.03 -33.03
CA GLY B 73 -7.53 -1.80 -33.67
C GLY B 73 -9.03 -1.55 -33.75
N THR B 74 -9.83 -2.56 -33.41
CA THR B 74 -11.30 -2.45 -33.40
C THR B 74 -11.75 -1.28 -32.55
N GLU B 75 -12.58 -0.40 -33.12
CA GLU B 75 -13.04 0.79 -32.44
C GLU B 75 -13.99 0.41 -31.30
N LEU B 76 -13.78 1.02 -30.15
CA LEU B 76 -14.39 0.63 -28.89
C LEU B 76 -14.90 1.90 -28.22
N THR B 77 -16.21 2.00 -28.01
CA THR B 77 -16.81 3.10 -27.28
C THR B 77 -17.51 2.55 -26.03
N LEU B 78 -17.16 3.09 -24.86
CA LEU B 78 -17.71 2.69 -23.57
C LEU B 78 -18.57 3.82 -23.00
N ARG B 79 -19.89 3.64 -23.02
CA ARG B 79 -20.82 4.63 -22.52
C ARG B 79 -21.22 4.26 -21.08
N TYR B 80 -20.53 4.84 -20.11
CA TYR B 80 -20.90 4.70 -18.71
C TYR B 80 -22.05 5.65 -18.44
N SER B 81 -22.76 5.42 -17.35
CA SER B 81 -23.81 6.32 -16.90
C SER B 81 -23.29 7.74 -16.61
N THR B 82 -22.02 7.84 -16.20
CA THR B 82 -21.40 9.11 -15.79
C THR B 82 -20.54 9.81 -16.85
N GLY B 83 -20.41 9.20 -18.03
CA GLY B 83 -19.49 9.71 -19.05
C GLY B 83 -19.09 8.62 -20.02
N THR B 84 -18.43 9.01 -21.10
CA THR B 84 -18.13 8.07 -22.18
C THR B 84 -16.68 8.20 -22.63
N VAL B 85 -16.05 7.06 -22.86
CA VAL B 85 -14.68 7.01 -23.38
C VAL B 85 -14.67 6.20 -24.68
N SER B 86 -13.83 6.61 -25.62
CA SER B 86 -13.67 5.88 -26.86
C SER B 86 -12.21 5.61 -27.11
N GLY B 87 -11.96 4.56 -27.88
CA GLY B 87 -10.62 4.17 -28.23
C GLY B 87 -10.60 2.94 -29.11
N PHE B 88 -9.50 2.20 -29.05
CA PHE B 88 -9.36 0.99 -29.84
C PHE B 88 -8.87 -0.17 -29.00
N LEU B 89 -9.25 -1.36 -29.43
CA LEU B 89 -8.97 -2.58 -28.70
C LEU B 89 -7.53 -3.00 -28.97
N SER B 90 -6.84 -3.47 -27.95
CA SER B 90 -5.46 -3.97 -28.05
C SER B 90 -5.34 -5.22 -27.22
N GLN B 91 -4.21 -5.92 -27.35
CA GLN B 91 -3.95 -7.11 -26.55
C GLN B 91 -2.53 -7.08 -25.97
N ASP B 92 -2.41 -7.42 -24.68
CA ASP B 92 -1.11 -7.50 -24.04
C ASP B 92 -1.22 -8.29 -22.75
N ILE B 93 -0.10 -8.51 -22.09
CA ILE B 93 -0.08 -9.20 -20.80
C ILE B 93 -0.36 -8.16 -19.72
N ILE B 94 -1.42 -8.39 -18.94
CA ILE B 94 -1.76 -7.52 -17.82
C ILE B 94 -1.35 -8.22 -16.51
N THR B 95 -0.65 -7.49 -15.66
CA THR B 95 -0.18 -8.00 -14.37
C THR B 95 -1.04 -7.41 -13.26
N VAL B 96 -1.69 -8.28 -12.48
CA VAL B 96 -2.58 -7.89 -11.38
C VAL B 96 -2.13 -8.63 -10.12
N GLY B 97 -1.42 -7.92 -9.24
CA GLY B 97 -0.77 -8.50 -8.09
C GLY B 97 0.20 -9.58 -8.53
N GLY B 98 0.02 -10.79 -7.99
CA GLY B 98 0.87 -11.93 -8.39
C GLY B 98 0.57 -12.60 -9.73
N ILE B 99 -0.46 -12.15 -10.44
CA ILE B 99 -1.04 -12.86 -11.59
C ILE B 99 -0.84 -12.09 -12.89
N THR B 100 -0.32 -12.78 -13.91
CA THR B 100 -0.24 -12.25 -15.26
C THR B 100 -1.28 -12.93 -16.15
N VAL B 101 -1.90 -12.16 -17.03
CA VAL B 101 -2.93 -12.69 -17.91
C VAL B 101 -2.89 -11.96 -19.25
N THR B 102 -3.01 -12.72 -20.33
CA THR B 102 -3.15 -12.14 -21.66
C THR B 102 -4.57 -11.62 -21.72
N GLN B 103 -4.68 -10.30 -21.90
CA GLN B 103 -5.95 -9.61 -21.83
C GLN B 103 -6.11 -8.69 -23.01
N MET B 104 -7.33 -8.63 -23.50
CA MET B 104 -7.71 -7.69 -24.51
C MET B 104 -8.30 -6.48 -23.77
N PHE B 105 -7.85 -5.29 -24.13
CA PHE B 105 -8.24 -4.07 -23.42
C PHE B 105 -8.34 -2.88 -24.36
N GLY B 106 -9.01 -1.85 -23.88
CA GLY B 106 -9.17 -0.59 -24.60
C GLY B 106 -7.99 0.32 -24.39
N GLU B 107 -7.48 0.86 -25.49
CA GLU B 107 -6.52 1.97 -25.49
C GLU B 107 -7.35 3.20 -25.79
N VAL B 108 -7.58 4.02 -24.78
CA VAL B 108 -8.51 5.14 -24.89
C VAL B 108 -7.83 6.37 -25.52
N THR B 109 -8.43 6.86 -26.60
CA THR B 109 -7.93 8.02 -27.35
C THR B 109 -8.86 9.23 -27.23
N GLU B 110 -9.98 9.06 -26.53
CA GLU B 110 -11.01 10.06 -26.39
C GLU B 110 -11.53 9.98 -24.95
N MET B 111 -11.10 10.96 -24.16
CA MET B 111 -11.24 10.92 -22.71
C MET B 111 -11.73 12.30 -22.25
N PRO B 112 -13.05 12.50 -22.15
CA PRO B 112 -13.59 13.84 -21.89
C PRO B 112 -13.24 14.37 -20.49
N ALA B 113 -13.03 15.68 -20.40
CA ALA B 113 -12.68 16.35 -19.15
C ALA B 113 -13.66 16.02 -18.03
N LEU B 114 -14.96 16.02 -18.33
CA LEU B 114 -15.97 15.55 -17.38
C LEU B 114 -16.29 14.10 -17.71
N PRO B 115 -16.02 13.14 -16.81
CA PRO B 115 -15.48 13.34 -15.44
C PRO B 115 -13.97 13.11 -15.28
N PHE B 116 -13.26 12.70 -16.34
CA PHE B 116 -11.94 12.07 -16.18
C PHE B 116 -10.79 13.00 -15.86
N MET B 117 -10.99 14.30 -15.97
CA MET B 117 -10.05 15.27 -15.41
C MET B 117 -10.02 15.24 -13.88
N LEU B 118 -11.11 14.80 -13.26
CA LEU B 118 -11.17 14.64 -11.80
C LEU B 118 -10.64 13.30 -11.33
N ALA B 119 -10.41 12.37 -12.25
CA ALA B 119 -10.00 11.00 -11.90
C ALA B 119 -8.54 11.02 -11.44
N GLU B 120 -8.31 10.56 -10.21
CA GLU B 120 -6.95 10.23 -9.75
C GLU B 120 -6.47 8.92 -10.38
N PHE B 121 -7.40 8.13 -10.88
CA PHE B 121 -7.08 6.88 -11.59
C PHE B 121 -6.90 7.13 -13.08
N ASP B 122 -6.13 6.26 -13.72
CA ASP B 122 -5.89 6.32 -15.16
C ASP B 122 -7.00 5.63 -15.92
N GLY B 123 -7.38 4.43 -15.46
CA GLY B 123 -8.32 3.59 -16.18
C GLY B 123 -9.21 2.74 -15.32
N VAL B 124 -9.81 1.73 -15.94
CA VAL B 124 -10.83 0.91 -15.32
C VAL B 124 -10.56 -0.54 -15.67
N VAL B 125 -10.67 -1.40 -14.65
CA VAL B 125 -10.66 -2.84 -14.85
C VAL B 125 -12.07 -3.32 -14.53
N GLY B 126 -12.81 -3.68 -15.57
CA GLY B 126 -14.19 -4.15 -15.41
C GLY B 126 -14.21 -5.52 -14.75
N MET B 127 -14.97 -5.66 -13.67
CA MET B 127 -15.08 -6.92 -12.94
C MET B 127 -16.45 -7.56 -13.12
N GLY B 128 -17.22 -7.06 -14.08
CA GLY B 128 -18.53 -7.59 -14.42
C GLY B 128 -18.45 -8.77 -15.36
N PHE B 129 -19.60 -9.13 -15.91
CA PHE B 129 -19.73 -10.34 -16.72
C PHE B 129 -19.56 -10.03 -18.20
N ILE B 130 -19.24 -11.06 -18.99
CA ILE B 130 -19.06 -10.89 -20.43
C ILE B 130 -20.33 -10.39 -21.12
N GLU B 131 -21.50 -10.68 -20.57
CA GLU B 131 -22.78 -10.19 -21.09
C GLU B 131 -22.87 -8.66 -21.16
N GLN B 132 -22.17 -7.97 -20.27
CA GLN B 132 -22.10 -6.50 -20.30
C GLN B 132 -20.81 -5.96 -20.93
N ALA B 133 -19.98 -6.84 -21.49
CA ALA B 133 -18.72 -6.42 -22.11
C ALA B 133 -19.04 -5.80 -23.46
N ILE B 134 -18.55 -4.59 -23.69
CA ILE B 134 -18.70 -3.95 -24.99
C ILE B 134 -17.75 -4.64 -25.95
N GLY B 135 -18.26 -4.96 -27.13
CA GLY B 135 -17.54 -5.76 -28.11
C GLY B 135 -17.37 -7.23 -27.75
N ARG B 136 -18.08 -7.70 -26.73
CA ARG B 136 -17.95 -9.09 -26.23
C ARG B 136 -16.50 -9.49 -25.92
N VAL B 137 -15.70 -8.53 -25.46
CA VAL B 137 -14.32 -8.79 -25.08
C VAL B 137 -14.34 -9.60 -23.78
N THR B 138 -13.62 -10.72 -23.75
CA THR B 138 -13.58 -11.55 -22.56
C THR B 138 -13.05 -10.73 -21.40
N PRO B 139 -13.84 -10.56 -20.32
CA PRO B 139 -13.37 -9.79 -19.15
C PRO B 139 -12.16 -10.41 -18.47
N ILE B 140 -11.39 -9.59 -17.77
CA ILE B 140 -10.14 -10.05 -17.18
C ILE B 140 -10.30 -11.18 -16.18
N PHE B 141 -11.35 -11.15 -15.36
CA PHE B 141 -11.51 -12.18 -14.36
C PHE B 141 -11.90 -13.52 -14.97
N ASP B 142 -12.68 -13.51 -16.06
CA ASP B 142 -12.95 -14.73 -16.84
C ASP B 142 -11.66 -15.35 -17.34
N ASN B 143 -10.79 -14.54 -17.95
CA ASN B 143 -9.47 -15.00 -18.39
C ASN B 143 -8.59 -15.53 -17.24
N ILE B 144 -8.70 -14.91 -16.07
CA ILE B 144 -7.97 -15.38 -14.89
C ILE B 144 -8.56 -16.72 -14.42
N ILE B 145 -9.89 -16.85 -14.39
CA ILE B 145 -10.56 -18.12 -14.07
C ILE B 145 -10.05 -19.22 -14.99
N SER B 146 -10.02 -18.94 -16.30
CA SER B 146 -9.54 -19.88 -17.33
C SER B 146 -8.16 -20.48 -17.08
N GLN B 147 -7.29 -19.76 -16.38
CA GLN B 147 -5.96 -20.28 -16.03
C GLN B 147 -5.98 -21.42 -15.00
N GLY B 148 -7.07 -21.54 -14.22
CA GLY B 148 -7.17 -22.57 -13.19
C GLY B 148 -6.15 -22.36 -12.10
N VAL B 149 -5.84 -21.09 -11.84
CA VAL B 149 -4.81 -20.67 -10.91
C VAL B 149 -5.41 -20.30 -9.54
N LEU B 150 -6.58 -19.67 -9.55
CA LEU B 150 -7.21 -19.17 -8.32
C LEU B 150 -7.72 -20.29 -7.43
N LYS B 151 -7.53 -20.11 -6.13
CA LYS B 151 -8.03 -21.06 -5.13
C LYS B 151 -9.58 -21.19 -5.22
N GLU B 152 -10.27 -20.07 -5.42
CA GLU B 152 -11.72 -20.04 -5.64
C GLU B 152 -12.05 -19.03 -6.73
N ASP B 153 -13.14 -19.26 -7.47
CA ASP B 153 -13.63 -18.32 -8.50
C ASP B 153 -14.41 -17.17 -7.87
N VAL B 154 -13.67 -16.35 -7.15
CA VAL B 154 -14.22 -15.37 -6.22
C VAL B 154 -13.26 -14.20 -6.19
N PHE B 155 -13.78 -13.00 -6.01
CA PHE B 155 -12.94 -11.86 -5.67
C PHE B 155 -13.61 -10.96 -4.67
N SER B 156 -12.77 -10.30 -3.87
CA SER B 156 -13.23 -9.59 -2.70
C SER B 156 -12.71 -8.18 -2.65
N PHE B 157 -13.52 -7.29 -2.07
CA PHE B 157 -13.25 -5.87 -1.97
C PHE B 157 -13.32 -5.42 -0.53
N TYR B 158 -12.25 -4.75 -0.10
CA TYR B 158 -12.19 -4.00 1.12
C TYR B 158 -11.91 -2.54 0.77
N TYR B 159 -12.77 -1.64 1.20
CA TYR B 159 -12.55 -0.21 1.06
C TYR B 159 -12.48 0.39 2.46
N ASN B 160 -11.35 1.01 2.79
CA ASN B 160 -11.15 1.64 4.09
C ASN B 160 -11.82 3.02 4.12
N ARG B 161 -11.79 3.69 5.27
CA ARG B 161 -12.60 4.88 5.56
C ARG B 161 -11.91 6.25 5.50
N ASP B 162 -10.60 6.33 5.33
CA ASP B 162 -9.94 7.67 5.19
C ASP B 162 -9.04 7.85 3.96
N SER B 166 -3.46 8.24 5.85
CA SER B 166 -2.30 7.76 5.10
C SER B 166 -1.72 6.48 5.68
N GLN B 167 -1.57 6.45 7.01
CA GLN B 167 -0.97 5.29 7.71
C GLN B 167 -1.89 4.05 7.86
N SER B 168 -2.84 3.90 6.94
CA SER B 168 -3.50 2.62 6.70
C SER B 168 -3.72 2.45 5.18
N LEU B 169 -3.83 1.20 4.74
CA LEU B 169 -4.18 0.92 3.35
C LEU B 169 -5.53 1.56 3.03
N GLY B 170 -5.65 2.12 1.83
CA GLY B 170 -6.91 2.69 1.37
C GLY B 170 -7.93 1.61 1.08
N GLY B 171 -7.45 0.41 0.79
CA GLY B 171 -8.33 -0.72 0.55
C GLY B 171 -7.55 -1.87 -0.03
N GLN B 172 -8.27 -2.91 -0.42
CA GLN B 172 -7.65 -4.12 -0.92
C GLN B 172 -8.65 -4.97 -1.69
N ILE B 173 -8.27 -5.40 -2.88
CA ILE B 173 -9.00 -6.42 -3.60
C ILE B 173 -8.19 -7.71 -3.52
N VAL B 174 -8.88 -8.82 -3.26
CA VAL B 174 -8.29 -10.16 -3.24
C VAL B 174 -8.95 -10.94 -4.37
N LEU B 175 -8.16 -11.36 -5.36
CA LEU B 175 -8.59 -12.30 -6.39
C LEU B 175 -8.36 -13.71 -5.87
N GLY B 176 -9.38 -14.55 -5.93
CA GLY B 176 -9.27 -15.95 -5.53
C GLY B 176 -9.69 -16.28 -4.10
N GLY B 177 -10.09 -15.28 -3.34
CA GLY B 177 -10.48 -15.48 -1.96
C GLY B 177 -10.87 -14.19 -1.27
N SER B 178 -10.75 -14.19 0.04
CA SER B 178 -11.02 -13.01 0.86
C SER B 178 -9.93 -12.84 1.93
N ASP B 179 -9.88 -11.67 2.56
CA ASP B 179 -8.90 -11.40 3.61
C ASP B 179 -9.61 -11.23 4.95
N PRO B 180 -9.55 -12.26 5.80
CA PRO B 180 -10.24 -12.14 7.10
C PRO B 180 -9.65 -11.11 8.07
N GLN B 181 -8.48 -10.52 7.77
CA GLN B 181 -8.00 -9.36 8.52
C GLN B 181 -8.93 -8.16 8.41
N HIS B 182 -9.66 -8.06 7.28
CA HIS B 182 -10.51 -6.91 7.00
C HIS B 182 -12.01 -7.12 7.13
N TYR B 183 -12.43 -8.21 7.77
CA TYR B 183 -13.84 -8.34 8.16
C TYR B 183 -14.04 -9.15 9.42
N GLU B 184 -15.21 -8.98 10.01
CA GLU B 184 -15.60 -9.67 11.24
C GLU B 184 -16.68 -10.67 10.93
N GLY B 185 -16.63 -11.80 11.62
CA GLY B 185 -17.66 -12.82 11.49
C GLY B 185 -17.57 -13.51 10.14
N ASN B 186 -18.72 -13.93 9.64
CA ASN B 186 -18.81 -14.74 8.44
C ASN B 186 -19.65 -14.09 7.39
N PHE B 187 -19.39 -14.43 6.14
CA PHE B 187 -20.21 -13.99 5.03
C PHE B 187 -21.63 -14.53 5.11
N HIS B 188 -22.58 -13.64 4.85
CA HIS B 188 -23.88 -14.01 4.38
C HIS B 188 -23.95 -13.61 2.91
N TYR B 189 -24.45 -14.52 2.08
CA TYR B 189 -24.52 -14.34 0.64
C TYR B 189 -25.97 -14.07 0.17
N ILE B 190 -26.08 -13.23 -0.86
CA ILE B 190 -27.33 -12.97 -1.55
C ILE B 190 -27.12 -13.35 -3.01
N ASN B 191 -28.01 -14.18 -3.53
CA ASN B 191 -27.88 -14.66 -4.90
C ASN B 191 -28.23 -13.57 -5.90
N LEU B 192 -27.56 -13.61 -7.05
CA LEU B 192 -27.91 -12.71 -8.15
C LEU B 192 -29.29 -13.05 -8.65
N ILE B 193 -29.99 -12.05 -9.14
CA ILE B 193 -31.28 -12.22 -9.80
C ILE B 193 -31.09 -13.02 -11.08
N LYS B 194 -30.02 -12.70 -11.79
CA LYS B 194 -29.65 -13.42 -13.00
C LYS B 194 -28.17 -13.31 -13.23
N THR B 195 -27.65 -14.20 -14.07
CA THR B 195 -26.26 -14.10 -14.49
C THR B 195 -26.10 -12.86 -15.40
N GLY B 196 -24.90 -12.30 -15.42
CA GLY B 196 -24.57 -11.23 -16.37
C GLY B 196 -24.47 -9.83 -15.81
N VAL B 197 -24.83 -9.67 -14.54
CA VAL B 197 -24.75 -8.36 -13.87
C VAL B 197 -24.76 -8.59 -12.36
N TRP B 198 -23.91 -7.86 -11.64
CA TRP B 198 -23.82 -7.99 -10.19
C TRP B 198 -24.96 -7.23 -9.53
N GLN B 199 -26.16 -7.76 -9.70
CA GLN B 199 -27.37 -7.11 -9.24
C GLN B 199 -28.19 -8.11 -8.42
N ILE B 200 -28.70 -7.64 -7.29
CA ILE B 200 -29.45 -8.49 -6.36
C ILE B 200 -30.80 -7.85 -6.09
N GLN B 201 -31.72 -8.66 -5.58
CA GLN B 201 -32.99 -8.13 -5.13
C GLN B 201 -32.82 -7.50 -3.77
N MET B 202 -33.46 -6.35 -3.59
CA MET B 202 -33.53 -5.65 -2.32
C MET B 202 -34.99 -5.60 -1.94
N LYS B 203 -35.30 -5.80 -0.66
CA LYS B 203 -36.69 -5.94 -0.22
C LYS B 203 -37.06 -4.87 0.83
N GLY B 204 -36.42 -3.71 0.79
CA GLY B 204 -36.74 -2.65 1.73
C GLY B 204 -35.56 -1.75 2.02
N VAL B 205 -35.80 -0.45 1.97
CA VAL B 205 -34.84 0.53 2.45
C VAL B 205 -35.53 1.26 3.58
N SER B 206 -35.03 1.06 4.80
CA SER B 206 -35.62 1.61 6.02
C SER B 206 -34.80 2.75 6.60
N VAL B 207 -35.50 3.81 6.98
CA VAL B 207 -34.95 4.92 7.74
C VAL B 207 -35.45 4.72 9.17
N GLY B 208 -34.52 4.40 10.08
CA GLY B 208 -34.90 3.93 11.41
C GLY B 208 -35.54 2.55 11.29
N SER B 209 -36.64 2.34 12.02
CA SER B 209 -37.41 1.08 11.95
C SER B 209 -38.49 1.06 10.85
N SER B 210 -38.70 2.19 10.16
CA SER B 210 -39.77 2.32 9.16
C SER B 210 -39.26 2.15 7.72
N THR B 211 -39.67 1.07 7.07
CA THR B 211 -39.44 0.84 5.63
C THR B 211 -40.15 1.91 4.78
N LEU B 212 -39.42 2.99 4.54
CA LEU B 212 -39.91 4.11 3.76
C LEU B 212 -39.94 3.79 2.26
N LEU B 213 -38.95 3.01 1.80
CA LEU B 213 -38.71 2.83 0.37
C LEU B 213 -38.57 1.36 -0.01
N CYS B 214 -38.78 1.08 -1.30
CA CYS B 214 -38.59 -0.25 -1.86
C CYS B 214 -39.46 -1.31 -1.14
N GLU B 215 -40.71 -0.94 -0.86
CA GLU B 215 -41.62 -1.79 -0.09
C GLU B 215 -41.99 -3.08 -0.83
N ASP B 216 -42.24 -2.96 -2.15
CA ASP B 216 -42.54 -4.11 -3.01
C ASP B 216 -41.31 -4.69 -3.73
N GLY B 217 -40.11 -4.44 -3.20
CA GLY B 217 -38.87 -4.91 -3.80
C GLY B 217 -38.33 -4.00 -4.89
N CYS B 218 -37.02 -4.13 -5.13
CA CYS B 218 -36.31 -3.34 -6.13
C CYS B 218 -34.95 -3.99 -6.42
N LEU B 219 -34.18 -3.39 -7.33
CA LEU B 219 -32.87 -3.90 -7.74
C LEU B 219 -31.78 -3.15 -7.00
N ALA B 220 -30.69 -3.85 -6.70
CA ALA B 220 -29.50 -3.24 -6.13
C ALA B 220 -28.29 -3.77 -6.90
N LEU B 221 -27.65 -2.87 -7.65
CA LEU B 221 -26.40 -3.15 -8.32
C LEU B 221 -25.32 -2.99 -7.26
N VAL B 222 -24.48 -4.00 -7.05
CA VAL B 222 -23.33 -3.84 -6.15
C VAL B 222 -22.14 -3.40 -7.00
N ASP B 223 -21.85 -2.11 -6.93
CA ASP B 223 -20.99 -1.44 -7.92
C ASP B 223 -19.74 -0.92 -7.25
N THR B 224 -18.65 -1.66 -7.35
CA THR B 224 -17.39 -1.25 -6.72
C THR B 224 -16.73 -0.05 -7.38
N GLY B 225 -17.12 0.26 -8.61
CA GLY B 225 -16.63 1.43 -9.32
C GLY B 225 -17.39 2.72 -9.11
N ALA B 226 -18.40 2.71 -8.24
CA ALA B 226 -19.19 3.89 -7.91
C ALA B 226 -18.86 4.38 -6.49
N SER B 227 -18.86 5.69 -6.34
CA SER B 227 -18.47 6.31 -5.09
C SER B 227 -19.52 6.14 -3.99
N TYR B 228 -20.78 6.21 -4.38
CA TYR B 228 -21.86 6.40 -3.43
C TYR B 228 -22.86 5.26 -3.44
N ILE B 229 -23.73 5.27 -2.45
CA ILE B 229 -24.99 4.59 -2.56
C ILE B 229 -25.84 5.53 -3.40
N SER B 230 -26.46 4.99 -4.45
CA SER B 230 -27.40 5.78 -5.25
C SER B 230 -28.72 5.07 -5.42
N GLY B 231 -29.74 5.87 -5.67
CA GLY B 231 -31.06 5.38 -6.06
C GLY B 231 -31.61 6.35 -7.09
N SER B 232 -32.81 6.07 -7.58
CA SER B 232 -33.50 7.00 -8.48
C SER B 232 -33.74 8.35 -7.80
N THR B 233 -33.89 9.40 -8.61
CA THR B 233 -34.13 10.75 -8.12
C THR B 233 -35.30 10.80 -7.15
N SER B 234 -36.39 10.12 -7.49
CA SER B 234 -37.58 10.11 -6.64
C SER B 234 -37.31 9.36 -5.33
N SER B 235 -36.64 8.21 -5.39
CA SER B 235 -36.28 7.46 -4.18
C SER B 235 -35.38 8.27 -3.24
N ILE B 236 -34.33 8.87 -3.79
CA ILE B 236 -33.40 9.67 -3.00
C ILE B 236 -34.09 10.93 -2.44
N GLU B 237 -34.97 11.55 -3.22
CA GLU B 237 -35.76 12.68 -2.71
C GLU B 237 -36.58 12.31 -1.47
N LYS B 238 -37.21 11.14 -1.48
CA LYS B 238 -37.99 10.67 -0.32
C LYS B 238 -37.08 10.40 0.86
N LEU B 239 -36.01 9.67 0.59
CA LEU B 239 -35.00 9.35 1.60
C LEU B 239 -34.50 10.60 2.29
N MET B 240 -34.11 11.58 1.50
CA MET B 240 -33.56 12.83 2.03
C MET B 240 -34.60 13.62 2.82
N GLU B 241 -35.83 13.66 2.32
CA GLU B 241 -36.95 14.30 3.03
C GLU B 241 -37.16 13.64 4.40
N ALA B 242 -37.12 12.31 4.46
CA ALA B 242 -37.20 11.57 5.73
C ALA B 242 -36.00 11.83 6.67
N LEU B 243 -34.82 11.93 6.09
CA LEU B 243 -33.61 12.27 6.84
C LEU B 243 -33.57 13.69 7.41
N GLY B 244 -34.30 14.63 6.80
CA GLY B 244 -34.19 16.05 7.15
C GLY B 244 -33.10 16.79 6.36
N ALA B 245 -32.47 16.10 5.41
CA ALA B 245 -31.43 16.68 4.57
C ALA B 245 -32.06 17.55 3.47
N LYS B 246 -31.37 18.64 3.12
CA LYS B 246 -31.84 19.57 2.09
C LYS B 246 -30.84 19.57 0.95
N LYS B 247 -31.34 19.80 -0.27
CA LYS B 247 -30.47 19.92 -1.43
C LYS B 247 -29.93 21.35 -1.45
N ARG B 248 -28.62 21.46 -1.26
CA ARG B 248 -27.91 22.75 -1.13
C ARG B 248 -28.02 23.61 -2.39
N LEU B 249 -27.49 23.04 -3.47
CA LEU B 249 -27.33 23.71 -4.76
C LEU B 249 -26.85 22.66 -5.76
N PHE B 250 -25.85 21.88 -5.34
CA PHE B 250 -25.43 20.68 -6.06
C PHE B 250 -25.71 19.37 -5.33
N ASP B 251 -25.63 19.35 -3.99
CA ASP B 251 -25.70 18.11 -3.19
C ASP B 251 -26.71 18.19 -2.03
N TYR B 252 -26.96 17.02 -1.43
CA TYR B 252 -27.77 16.92 -0.20
C TYR B 252 -26.91 17.10 1.05
N VAL B 253 -27.37 17.95 1.97
CA VAL B 253 -26.59 18.33 3.16
C VAL B 253 -27.40 18.37 4.46
N VAL B 254 -26.69 18.19 5.56
CA VAL B 254 -27.20 18.48 6.91
C VAL B 254 -26.22 19.37 7.66
N LYS B 255 -26.71 20.07 8.69
CA LYS B 255 -25.83 20.71 9.65
C LYS B 255 -24.94 19.64 10.28
N CYS B 256 -23.63 19.90 10.33
CA CYS B 256 -22.66 18.88 10.75
C CYS B 256 -22.86 18.37 12.18
N ASN B 257 -23.27 19.27 13.09
CA ASN B 257 -23.61 18.86 14.46
C ASN B 257 -24.79 17.90 14.53
N GLU B 258 -25.72 18.00 13.58
CA GLU B 258 -26.93 17.17 13.56
C GLU B 258 -26.73 15.81 12.94
N GLY B 259 -25.64 15.62 12.20
CA GLY B 259 -25.32 14.34 11.59
C GLY B 259 -25.52 13.11 12.48
N PRO B 260 -24.94 13.11 13.70
CA PRO B 260 -25.16 12.00 14.66
C PRO B 260 -26.61 11.72 15.07
N THR B 261 -27.53 12.68 14.91
CA THR B 261 -28.96 12.46 15.18
C THR B 261 -29.71 11.78 14.02
N LEU B 262 -29.12 11.74 12.83
CA LEU B 262 -29.80 11.17 11.68
C LEU B 262 -29.98 9.67 11.85
N PRO B 263 -31.14 9.15 11.41
CA PRO B 263 -31.46 7.74 11.62
C PRO B 263 -30.61 6.76 10.80
N ASP B 264 -30.51 5.54 11.30
CA ASP B 264 -29.88 4.46 10.56
C ASP B 264 -30.64 4.26 9.26
N ILE B 265 -29.90 3.91 8.20
CA ILE B 265 -30.48 3.49 6.94
C ILE B 265 -30.12 2.01 6.76
N SER B 266 -31.15 1.18 6.59
CA SER B 266 -30.99 -0.25 6.46
C SER B 266 -31.44 -0.71 5.10
N PHE B 267 -30.61 -1.53 4.46
CA PHE B 267 -30.92 -2.13 3.17
C PHE B 267 -31.23 -3.59 3.43
N HIS B 268 -32.42 -4.02 3.03
CA HIS B 268 -32.86 -5.40 3.25
C HIS B 268 -32.46 -6.31 2.08
N LEU B 269 -31.38 -7.05 2.28
CA LEU B 269 -30.80 -7.91 1.24
C LEU B 269 -30.77 -9.35 1.74
N GLY B 270 -31.40 -10.25 0.99
CA GLY B 270 -31.40 -11.68 1.31
C GLY B 270 -31.82 -12.02 2.72
N GLY B 271 -32.90 -11.40 3.19
CA GLY B 271 -33.43 -11.69 4.52
C GLY B 271 -32.67 -11.12 5.71
N LYS B 272 -31.74 -10.19 5.47
CA LYS B 272 -30.95 -9.55 6.51
C LYS B 272 -31.03 -8.04 6.32
N GLU B 273 -30.87 -7.30 7.42
CA GLU B 273 -30.78 -5.85 7.38
C GLU B 273 -29.31 -5.42 7.36
N TYR B 274 -28.90 -4.79 6.27
CA TYR B 274 -27.55 -4.21 6.14
C TYR B 274 -27.68 -2.75 6.53
N THR B 275 -27.23 -2.43 7.74
CA THR B 275 -27.50 -1.14 8.35
C THR B 275 -26.28 -0.23 8.32
N LEU B 276 -26.48 0.97 7.79
CA LEU B 276 -25.50 2.04 7.89
C LEU B 276 -26.04 3.05 8.87
N THR B 277 -25.19 3.47 9.80
CA THR B 277 -25.48 4.58 10.69
C THR B 277 -25.10 5.87 9.99
N SER B 278 -25.47 6.98 10.61
CA SER B 278 -25.16 8.30 10.07
C SER B 278 -23.64 8.51 9.96
N ALA B 279 -22.87 7.92 10.86
CA ALA B 279 -21.40 7.92 10.74
C ALA B 279 -20.93 7.25 9.46
N ASP B 280 -21.68 6.27 8.97
CA ASP B 280 -21.34 5.55 7.74
C ASP B 280 -21.73 6.28 6.45
N TYR B 281 -22.70 7.21 6.50
CA TYR B 281 -23.20 7.86 5.29
C TYR B 281 -23.11 9.39 5.26
N VAL B 282 -22.68 10.02 6.36
CA VAL B 282 -22.42 11.44 6.39
C VAL B 282 -20.91 11.67 6.36
N PHE B 283 -20.45 12.50 5.45
CA PHE B 283 -19.07 12.98 5.49
C PHE B 283 -18.97 13.98 6.63
N GLN B 284 -18.55 13.49 7.80
CA GLN B 284 -18.46 14.33 9.01
C GLN B 284 -17.11 15.01 9.05
N GLU B 285 -16.96 16.03 8.20
CA GLU B 285 -15.74 16.82 8.13
C GLU B 285 -15.60 17.58 9.45
N SER B 286 -16.75 17.97 10.00
CA SER B 286 -16.83 18.63 11.28
C SER B 286 -18.02 18.06 12.07
N TYR B 287 -18.14 18.46 13.34
CA TYR B 287 -19.40 18.32 14.10
C TYR B 287 -19.90 19.70 14.54
N SER B 288 -19.57 20.72 13.74
CA SER B 288 -19.86 22.11 14.05
C SER B 288 -21.31 22.41 13.71
N SER B 289 -21.95 23.19 14.59
CA SER B 289 -23.25 23.78 14.30
C SER B 289 -23.19 24.89 13.25
N LYS B 290 -21.99 25.35 12.90
CA LYS B 290 -21.79 26.44 11.95
C LYS B 290 -21.49 25.97 10.50
N LYS B 291 -21.29 24.66 10.31
CA LYS B 291 -20.93 24.08 9.01
C LYS B 291 -21.97 23.07 8.48
N LEU B 292 -22.01 22.93 7.16
CA LEU B 292 -22.84 21.94 6.48
C LEU B 292 -21.99 20.74 6.08
N CYS B 293 -22.54 19.55 6.24
CA CYS B 293 -21.88 18.30 5.89
C CYS B 293 -22.71 17.55 4.85
N THR B 294 -22.03 16.95 3.88
CA THR B 294 -22.71 16.29 2.78
C THR B 294 -22.84 14.82 3.09
N LEU B 295 -23.81 14.18 2.45
CA LEU B 295 -24.01 12.75 2.59
C LEU B 295 -23.41 12.03 1.39
N ALA B 296 -23.01 10.78 1.62
CA ALA B 296 -22.45 9.91 0.59
C ALA B 296 -23.54 9.07 -0.09
N ILE B 297 -24.67 9.70 -0.36
CA ILE B 297 -25.81 9.11 -1.03
C ILE B 297 -26.24 10.14 -2.06
N HIS B 298 -26.34 9.72 -3.33
CA HIS B 298 -26.73 10.62 -4.43
C HIS B 298 -27.82 9.98 -5.30
N ALA B 299 -28.56 10.82 -6.01
CA ALA B 299 -29.49 10.34 -7.04
C ALA B 299 -28.69 9.90 -8.26
N MET B 300 -29.08 8.77 -8.84
CA MET B 300 -28.52 8.32 -10.11
C MET B 300 -29.60 7.52 -10.83
N ASP B 301 -30.20 8.13 -11.84
CA ASP B 301 -31.23 7.47 -12.64
C ASP B 301 -30.52 6.62 -13.68
N ILE B 302 -30.51 5.32 -13.45
CA ILE B 302 -29.83 4.38 -14.32
C ILE B 302 -30.87 3.84 -15.30
N PRO B 303 -30.62 3.97 -16.63
CA PRO B 303 -31.65 3.57 -17.61
C PRO B 303 -31.77 2.05 -17.79
N PRO B 304 -32.87 1.59 -18.42
CA PRO B 304 -32.94 0.17 -18.81
C PRO B 304 -31.81 -0.25 -19.77
N PRO B 305 -31.40 -1.52 -19.77
CA PRO B 305 -32.03 -2.59 -19.00
C PRO B 305 -31.54 -2.72 -17.54
N THR B 306 -30.39 -2.14 -17.21
CA THR B 306 -29.80 -2.32 -15.88
C THR B 306 -30.67 -1.68 -14.78
N GLY B 307 -31.25 -0.51 -15.08
CA GLY B 307 -32.10 0.19 -14.13
C GLY B 307 -33.52 0.38 -14.62
N PRO B 308 -34.38 1.06 -13.85
CA PRO B 308 -34.03 1.72 -12.59
C PRO B 308 -33.50 0.78 -11.51
N THR B 309 -32.52 1.24 -10.75
CA THR B 309 -31.89 0.42 -9.73
C THR B 309 -31.16 1.28 -8.73
N TRP B 310 -31.10 0.79 -7.51
CA TRP B 310 -30.14 1.28 -6.54
C TRP B 310 -28.77 0.75 -6.94
N ALA B 311 -27.73 1.50 -6.58
CA ALA B 311 -26.35 1.04 -6.70
C ALA B 311 -25.70 1.18 -5.33
N LEU B 312 -25.14 0.08 -4.83
CA LEU B 312 -24.45 0.07 -3.57
C LEU B 312 -22.98 0.17 -3.91
N GLY B 313 -22.45 1.39 -3.82
CA GLY B 313 -21.07 1.69 -4.16
C GLY B 313 -20.19 1.78 -2.95
N ALA B 314 -19.16 2.62 -3.03
CA ALA B 314 -18.10 2.67 -2.01
C ALA B 314 -18.64 2.91 -0.60
N THR B 315 -19.67 3.76 -0.48
CA THR B 315 -20.35 4.00 0.80
C THR B 315 -20.81 2.71 1.49
N PHE B 316 -21.39 1.81 0.72
CA PHE B 316 -21.87 0.53 1.25
C PHE B 316 -20.70 -0.40 1.54
N ILE B 317 -19.78 -0.50 0.57
CA ILE B 317 -18.64 -1.41 0.67
C ILE B 317 -17.75 -1.08 1.86
N ARG B 318 -17.59 0.20 2.18
CA ARG B 318 -16.85 0.61 3.38
C ARG B 318 -17.36 -0.06 4.64
N LYS B 319 -18.69 -0.15 4.75
CA LYS B 319 -19.32 -0.78 5.89
C LYS B 319 -19.22 -2.29 5.80
N PHE B 320 -19.45 -2.82 4.60
CA PHE B 320 -19.53 -4.24 4.38
C PHE B 320 -18.52 -4.73 3.37
N TYR B 321 -17.51 -5.42 3.89
CA TYR B 321 -16.57 -6.16 3.09
C TYR B 321 -17.38 -7.07 2.15
N THR B 322 -17.03 -7.09 0.87
CA THR B 322 -17.84 -7.73 -0.16
C THR B 322 -17.06 -8.76 -0.94
N GLU B 323 -17.64 -9.96 -1.08
CA GLU B 323 -17.09 -11.03 -1.89
C GLU B 323 -18.04 -11.30 -3.06
N PHE B 324 -17.51 -11.18 -4.27
CA PHE B 324 -18.22 -11.47 -5.51
C PHE B 324 -17.87 -12.89 -5.94
N ASP B 325 -18.87 -13.76 -5.99
CA ASP B 325 -18.69 -15.19 -6.16
C ASP B 325 -19.25 -15.61 -7.50
N ARG B 326 -18.35 -15.78 -8.46
CA ARG B 326 -18.69 -16.22 -9.82
C ARG B 326 -19.01 -17.71 -9.93
N ARG B 327 -18.49 -18.53 -9.02
CA ARG B 327 -18.86 -19.95 -9.02
C ARG B 327 -20.36 -20.13 -8.76
N ASN B 328 -20.90 -19.32 -7.84
CA ASN B 328 -22.28 -19.42 -7.40
C ASN B 328 -23.20 -18.25 -7.79
N ASN B 329 -22.69 -17.23 -8.48
CA ASN B 329 -23.51 -16.05 -8.85
C ASN B 329 -24.22 -15.46 -7.65
N ARG B 330 -23.41 -14.98 -6.73
CA ARG B 330 -23.90 -14.40 -5.49
C ARG B 330 -22.87 -13.47 -4.93
N ILE B 331 -23.30 -12.67 -3.98
CA ILE B 331 -22.49 -11.65 -3.38
C ILE B 331 -22.55 -11.84 -1.88
N GLY B 332 -21.38 -11.95 -1.25
CA GLY B 332 -21.25 -12.13 0.19
C GLY B 332 -20.92 -10.81 0.83
N PHE B 333 -21.55 -10.53 1.98
CA PHE B 333 -21.25 -9.35 2.78
C PHE B 333 -20.85 -9.78 4.17
N ALA B 334 -19.82 -9.13 4.70
CA ALA B 334 -19.49 -9.24 6.12
C ALA B 334 -19.06 -7.85 6.60
N LEU B 335 -19.16 -7.64 7.91
CA LEU B 335 -18.87 -6.36 8.53
C LEU B 335 -17.39 -6.05 8.34
N ALA B 336 -17.09 -4.96 7.65
CA ALA B 336 -15.70 -4.59 7.34
C ALA B 336 -14.96 -4.12 8.58
N ARG B 337 -13.65 -4.31 8.57
CA ARG B 337 -12.74 -3.62 9.46
C ARG B 337 -11.39 -3.43 8.75
#